data_4AKY
#
_entry.id   4AKY
#
_cell.length_a   198.440
_cell.length_b   198.440
_cell.length_c   103.220
_cell.angle_alpha   90.00
_cell.angle_beta   90.00
_cell.angle_gamma   90.00
#
_symmetry.space_group_name_H-M   'I 41 2 2'
#
loop_
_entity.id
_entity.type
_entity.pdbx_description
1 polymer 'TYPE IV SECRETION SYSTEM PROTEIN VIRB8'
2 non-polymer 2-(butylamino)quinolin-8-ol
3 water water
#
_entity_poly.entity_id   1
_entity_poly.type   'polypeptide(L)'
_entity_poly.pdbx_seq_one_letter_code
;SYDTVMDKYWLSQYVIARETYDWYTLQKDYETVGMLSSPSEGQSYASQFQGDKALDKQYGSNVRTSVTIVSIVPNGKGIG
TVRFAKTTKRTNETGDGETTHWIATIGYQYVNPSLMSESARLTNPLGFNVTSYRVDPE
;
_entity_poly.pdbx_strand_id   A,B,C,D,E
#
# COMPACT_ATOMS: atom_id res chain seq x y z
N SER A 1 8.51 6.49 -13.80
CA SER A 1 9.17 5.28 -13.30
C SER A 1 9.79 5.53 -11.93
N TYR A 2 10.99 6.10 -11.93
CA TYR A 2 11.66 6.45 -10.68
C TYR A 2 10.83 7.43 -9.87
N ASP A 3 10.31 8.46 -10.53
CA ASP A 3 9.54 9.49 -9.86
C ASP A 3 8.21 8.97 -9.34
N THR A 4 7.49 8.23 -10.17
CA THR A 4 6.19 7.69 -9.77
C THR A 4 6.34 6.73 -8.59
N VAL A 5 7.32 5.84 -8.67
CA VAL A 5 7.58 4.89 -7.60
C VAL A 5 7.94 5.63 -6.31
N MET A 6 8.83 6.62 -6.45
CA MET A 6 9.28 7.38 -5.29
C MET A 6 8.16 8.22 -4.68
N ASP A 7 7.32 8.81 -5.52
CA ASP A 7 6.17 9.58 -5.03
C ASP A 7 5.23 8.67 -4.25
N LYS A 8 4.94 7.51 -4.82
CA LYS A 8 4.09 6.53 -4.16
C LYS A 8 4.66 6.14 -2.80
N TYR A 9 5.98 5.99 -2.75
CA TYR A 9 6.61 5.62 -1.49
C TYR A 9 6.34 6.66 -0.41
N TRP A 10 6.66 7.92 -0.71
CA TRP A 10 6.53 8.98 0.28
C TRP A 10 5.08 9.31 0.60
N LEU A 11 4.23 9.32 -0.42
CA LEU A 11 2.80 9.49 -0.20
C LEU A 11 2.31 8.39 0.73
N SER A 12 2.75 7.17 0.47
CA SER A 12 2.41 6.03 1.31
C SER A 12 2.89 6.23 2.73
N GLN A 13 4.16 6.58 2.87
CA GLN A 13 4.78 6.81 4.18
C GLN A 13 4.01 7.87 4.96
N TYR A 14 3.64 8.96 4.29
CA TYR A 14 2.95 10.06 4.95
C TYR A 14 1.59 9.62 5.49
N VAL A 15 0.79 8.99 4.64
CA VAL A 15 -0.54 8.55 5.04
C VAL A 15 -0.50 7.58 6.23
N ILE A 16 0.42 6.61 6.16
CA ILE A 16 0.57 5.66 7.25
C ILE A 16 0.91 6.38 8.54
N ALA A 17 1.83 7.34 8.44
CA ALA A 17 2.25 8.11 9.60
C ALA A 17 1.11 8.95 10.14
N ARG A 18 0.35 9.55 9.25
CA ARG A 18 -0.70 10.49 9.63
C ARG A 18 -1.99 9.83 10.13
N GLU A 19 -2.36 8.69 9.54
CA GLU A 19 -3.66 8.10 9.80
C GLU A 19 -3.62 6.95 10.80
N THR A 20 -2.42 6.63 11.28
CA THR A 20 -2.27 5.58 12.27
C THR A 20 -2.37 6.14 13.68
N TYR A 21 -3.15 5.48 14.52
CA TYR A 21 -3.07 5.76 15.96
C TYR A 21 -2.57 4.53 16.69
N ASP A 22 -1.37 4.65 17.25
CA ASP A 22 -0.77 3.57 18.02
C ASP A 22 0.06 4.20 19.14
N TRP A 23 -0.47 4.18 20.35
CA TRP A 23 0.15 4.83 21.49
C TRP A 23 1.67 4.69 21.51
N TYR A 24 2.16 3.50 21.18
CA TYR A 24 3.59 3.20 21.34
C TYR A 24 4.46 3.63 20.17
N THR A 25 3.84 4.16 19.12
CA THR A 25 4.59 4.70 17.99
C THR A 25 4.13 6.12 17.67
N LEU A 26 3.27 6.65 18.54
CA LEU A 26 2.68 7.96 18.32
C LEU A 26 3.70 9.07 18.17
N GLN A 27 4.69 9.12 19.06
CA GLN A 27 5.69 10.18 19.00
C GLN A 27 6.51 10.15 17.71
N LYS A 28 6.85 8.95 17.24
CA LYS A 28 7.59 8.81 15.99
C LYS A 28 6.76 9.22 14.79
N ASP A 29 5.51 8.76 14.75
CA ASP A 29 4.58 9.11 13.67
C ASP A 29 4.35 10.62 13.65
N TYR A 30 4.17 11.18 14.85
CA TYR A 30 3.93 12.59 15.02
C TYR A 30 5.07 13.41 14.44
N GLU A 31 6.30 13.10 14.84
CA GLU A 31 7.47 13.84 14.36
C GLU A 31 7.72 13.60 12.87
N THR A 32 7.26 12.45 12.38
CA THR A 32 7.40 12.13 10.97
C THR A 32 6.47 13.01 10.15
N VAL A 33 5.21 13.07 10.57
CA VAL A 33 4.24 13.96 9.94
C VAL A 33 4.79 15.38 9.92
N GLY A 34 5.25 15.83 11.09
CA GLY A 34 5.83 17.16 11.24
C GLY A 34 6.97 17.45 10.28
N MET A 35 7.97 16.58 10.25
CA MET A 35 9.12 16.76 9.37
C MET A 35 8.72 16.82 7.90
N LEU A 36 7.63 16.14 7.55
CA LEU A 36 7.24 16.01 6.15
C LEU A 36 6.15 17.00 5.76
N SER A 37 5.65 17.75 6.73
CA SER A 37 4.56 18.68 6.47
C SER A 37 5.00 20.14 6.45
N SER A 38 4.24 20.97 5.74
CA SER A 38 4.40 22.41 5.83
C SER A 38 3.97 22.83 7.22
N PRO A 39 4.36 24.04 7.64
CA PRO A 39 3.96 24.48 8.99
C PRO A 39 2.45 24.44 9.19
N SER A 40 1.69 24.82 8.17
CA SER A 40 0.24 24.88 8.30
C SER A 40 -0.40 23.49 8.37
N GLU A 41 0.08 22.56 7.53
CA GLU A 41 -0.42 21.19 7.61
C GLU A 41 0.02 20.51 8.91
N GLY A 42 1.17 20.93 9.41
CA GLY A 42 1.69 20.41 10.66
C GLY A 42 0.79 20.76 11.83
N GLN A 43 0.46 22.04 11.96
CA GLN A 43 -0.36 22.49 13.07
C GLN A 43 -1.77 21.95 12.96
N SER A 44 -2.25 21.79 11.73
CA SER A 44 -3.57 21.20 11.50
C SER A 44 -3.60 19.76 12.04
N TYR A 45 -2.59 18.98 11.68
CA TYR A 45 -2.44 17.63 12.20
C TYR A 45 -2.27 17.61 13.71
N ALA A 46 -1.45 18.51 14.22
CA ALA A 46 -1.07 18.52 15.62
C ALA A 46 -2.23 18.90 16.53
N SER A 47 -3.26 19.53 15.95
CA SER A 47 -4.38 20.02 16.75
C SER A 47 -5.13 18.87 17.41
N GLN A 48 -5.08 17.70 16.79
CA GLN A 48 -5.70 16.51 17.34
C GLN A 48 -5.14 16.14 18.71
N PHE A 49 -3.89 16.47 18.93
CA PHE A 49 -3.21 16.06 20.15
C PHE A 49 -3.04 17.22 21.11
N GLN A 50 -3.84 18.26 20.92
CA GLN A 50 -3.82 19.41 21.81
C GLN A 50 -5.14 19.55 22.57
N GLY A 51 -5.07 20.07 23.79
CA GLY A 51 -6.26 20.27 24.58
C GLY A 51 -6.61 19.08 25.45
N ASP A 52 -7.68 19.23 26.24
CA ASP A 52 -8.10 18.18 27.16
C ASP A 52 -8.68 16.98 26.43
N LYS A 53 -9.05 17.17 25.17
CA LYS A 53 -9.62 16.08 24.37
C LYS A 53 -8.65 15.59 23.30
N ALA A 54 -7.35 15.80 23.52
CA ALA A 54 -6.34 15.27 22.62
C ALA A 54 -6.53 13.77 22.44
N LEU A 55 -6.28 13.27 21.23
CA LEU A 55 -6.46 11.85 20.96
C LEU A 55 -5.73 10.97 21.98
N ASP A 56 -4.45 11.26 22.20
CA ASP A 56 -3.65 10.48 23.14
C ASP A 56 -4.29 10.44 24.53
N LYS A 57 -4.68 11.58 25.05
CA LYS A 57 -5.32 11.64 26.37
C LYS A 57 -6.64 10.87 26.38
N GLN A 58 -7.28 10.81 25.23
CA GLN A 58 -8.64 10.26 25.12
C GLN A 58 -8.65 8.77 24.76
N TYR A 59 -7.53 8.26 24.27
CA TYR A 59 -7.45 6.87 23.84
C TYR A 59 -6.42 6.07 24.63
N GLY A 60 -5.38 6.74 25.11
CA GLY A 60 -4.29 6.07 25.77
C GLY A 60 -3.79 4.91 24.93
N SER A 61 -3.49 3.79 25.57
CA SER A 61 -3.06 2.60 24.86
C SER A 61 -4.24 1.68 24.55
N ASN A 62 -5.43 2.13 24.92
CA ASN A 62 -6.64 1.31 24.82
C ASN A 62 -7.30 1.33 23.43
N VAL A 63 -6.66 1.99 22.48
CA VAL A 63 -7.18 2.04 21.12
C VAL A 63 -6.04 1.94 20.12
N ARG A 64 -6.29 1.26 19.00
CA ARG A 64 -5.32 1.25 17.91
C ARG A 64 -5.99 1.35 16.54
N THR A 65 -5.49 2.25 15.71
CA THR A 65 -6.01 2.41 14.37
C THR A 65 -4.93 2.08 13.36
N SER A 66 -5.14 0.98 12.63
CA SER A 66 -4.18 0.50 11.66
C SER A 66 -4.57 0.98 10.27
N VAL A 67 -3.57 1.17 9.41
CA VAL A 67 -3.82 1.67 8.07
C VAL A 67 -3.38 0.68 6.99
N THR A 68 -4.19 0.56 5.94
CA THR A 68 -3.87 -0.30 4.81
C THR A 68 -4.01 0.47 3.51
N ILE A 69 -2.92 0.58 2.75
CA ILE A 69 -2.95 1.30 1.49
C ILE A 69 -3.60 0.43 0.42
N VAL A 70 -4.53 1.00 -0.33
CA VAL A 70 -5.23 0.28 -1.37
C VAL A 70 -4.73 0.67 -2.76
N SER A 71 -4.59 1.96 -2.99
CA SER A 71 -4.00 2.44 -4.24
C SER A 71 -3.51 3.88 -4.09
N ILE A 72 -2.53 4.24 -4.92
CA ILE A 72 -1.97 5.57 -4.91
C ILE A 72 -1.83 6.08 -6.34
N VAL A 73 -2.36 7.28 -6.58
CA VAL A 73 -2.24 7.90 -7.89
C VAL A 73 -1.64 9.29 -7.79
N PRO A 74 -0.33 9.41 -8.06
CA PRO A 74 0.25 10.75 -8.17
C PRO A 74 -0.21 11.34 -9.49
N ASN A 75 -1.11 12.32 -9.44
CA ASN A 75 -1.61 12.96 -10.66
C ASN A 75 -0.55 13.81 -11.35
N GLY A 76 0.71 13.62 -10.96
CA GLY A 76 1.84 14.25 -11.62
C GLY A 76 1.90 15.76 -11.53
N LYS A 77 0.85 16.38 -10.98
CA LYS A 77 0.79 17.83 -10.87
C LYS A 77 0.73 18.31 -9.42
N GLY A 78 1.50 17.67 -8.55
CA GLY A 78 1.61 18.09 -7.17
C GLY A 78 0.46 17.61 -6.31
N ILE A 79 -0.51 16.97 -6.93
CA ILE A 79 -1.63 16.39 -6.20
C ILE A 79 -1.63 14.87 -6.30
N GLY A 80 -1.58 14.22 -5.15
CA GLY A 80 -1.60 12.77 -5.11
C GLY A 80 -2.87 12.27 -4.47
N THR A 81 -3.31 11.09 -4.88
CA THR A 81 -4.51 10.51 -4.32
C THR A 81 -4.18 9.17 -3.68
N VAL A 82 -4.60 8.99 -2.44
CA VAL A 82 -4.32 7.76 -1.71
C VAL A 82 -5.59 7.13 -1.16
N ARG A 83 -6.01 6.04 -1.79
CA ARG A 83 -7.11 5.24 -1.27
C ARG A 83 -6.56 4.27 -0.23
N PHE A 84 -7.16 4.27 0.95
CA PHE A 84 -6.70 3.44 2.05
C PHE A 84 -7.83 3.14 3.01
N ALA A 85 -7.69 2.06 3.78
CA ALA A 85 -8.69 1.68 4.76
C ALA A 85 -8.14 1.81 6.17
N LYS A 86 -9.03 2.04 7.14
CA LYS A 86 -8.63 2.17 8.53
C LYS A 86 -9.37 1.16 9.41
N THR A 87 -8.63 0.48 10.27
CA THR A 87 -9.23 -0.46 11.21
C THR A 87 -8.93 -0.03 12.63
N THR A 88 -9.97 0.06 13.45
CA THR A 88 -9.81 0.48 14.84
C THR A 88 -10.28 -0.62 15.78
N LYS A 89 -9.50 -0.89 16.82
CA LYS A 89 -9.85 -1.90 17.81
C LYS A 89 -9.72 -1.35 19.22
N ARG A 90 -10.23 -2.10 20.19
CA ARG A 90 -10.06 -1.78 21.59
C ARG A 90 -9.14 -2.78 22.26
N THR A 91 -8.01 -2.31 22.79
CA THR A 91 -7.02 -3.17 23.42
C THR A 91 -7.45 -3.54 24.84
N ASP A 96 -13.45 -7.96 15.10
CA ASP A 96 -12.19 -7.54 14.48
C ASP A 96 -12.16 -6.04 14.24
N GLY A 97 -12.90 -5.30 15.05
CA GLY A 97 -12.98 -3.86 14.93
C GLY A 97 -13.66 -3.42 13.65
N GLU A 98 -13.98 -2.13 13.57
CA GLU A 98 -14.66 -1.59 12.40
C GLU A 98 -13.65 -1.14 11.35
N THR A 99 -13.92 -1.48 10.10
CA THR A 99 -13.05 -1.09 8.99
C THR A 99 -13.75 -0.14 8.04
N THR A 100 -13.15 1.03 7.83
CA THR A 100 -13.69 2.02 6.91
C THR A 100 -12.67 2.39 5.83
N HIS A 101 -13.15 2.91 4.71
CA HIS A 101 -12.31 3.21 3.55
C HIS A 101 -12.28 4.69 3.25
N TRP A 102 -11.16 5.17 2.71
CA TRP A 102 -10.93 6.60 2.59
C TRP A 102 -10.12 6.99 1.37
N ILE A 103 -10.20 8.27 1.04
CA ILE A 103 -9.45 8.86 -0.06
C ILE A 103 -8.71 10.09 0.44
N ALA A 104 -7.39 10.04 0.44
CA ALA A 104 -6.59 11.19 0.83
C ALA A 104 -6.10 11.94 -0.40
N THR A 105 -6.49 13.21 -0.51
CA THR A 105 -5.97 14.07 -1.57
C THR A 105 -4.85 14.90 -0.96
N ILE A 106 -3.67 14.83 -1.59
CA ILE A 106 -2.48 15.40 -0.99
C ILE A 106 -1.74 16.33 -1.93
N GLY A 107 -1.61 17.59 -1.52
CA GLY A 107 -0.75 18.52 -2.22
C GLY A 107 0.64 18.36 -1.65
N TYR A 108 1.63 18.18 -2.52
CA TYR A 108 2.98 17.90 -2.07
C TYR A 108 4.03 18.37 -3.08
N GLN A 109 5.27 18.45 -2.61
CA GLN A 109 6.38 18.94 -3.39
C GLN A 109 7.68 18.36 -2.86
N TYR A 110 8.76 18.53 -3.61
CA TYR A 110 10.08 18.20 -3.10
C TYR A 110 10.91 19.46 -3.02
N VAL A 111 11.39 19.77 -1.82
CA VAL A 111 12.26 20.92 -1.63
C VAL A 111 13.71 20.46 -1.68
N ASN A 112 14.59 21.35 -2.13
CA ASN A 112 16.01 21.05 -2.22
C ASN A 112 16.53 20.43 -0.91
N PRO A 113 16.90 19.14 -0.97
CA PRO A 113 17.37 18.41 0.20
C PRO A 113 18.65 18.99 0.79
N SER A 114 19.37 19.79 0.01
CA SER A 114 20.60 20.39 0.49
C SER A 114 20.33 21.43 1.60
N LEU A 115 19.07 21.87 1.69
CA LEU A 115 18.68 22.86 2.68
C LEU A 115 18.37 22.25 4.04
N MET A 116 18.75 20.99 4.23
CA MET A 116 18.55 20.34 5.52
C MET A 116 19.88 20.02 6.19
N SER A 117 19.81 19.64 7.46
CA SER A 117 20.96 19.02 8.13
C SER A 117 21.10 17.59 7.60
N GLU A 118 22.19 16.93 7.95
CA GLU A 118 22.35 15.54 7.51
C GLU A 118 21.32 14.66 8.22
N SER A 119 21.12 14.91 9.51
CA SER A 119 20.15 14.15 10.29
C SER A 119 18.79 14.22 9.63
N ALA A 120 18.40 15.41 9.21
CA ALA A 120 17.11 15.63 8.58
C ALA A 120 16.97 14.79 7.31
N ARG A 121 18.06 14.69 6.56
CA ARG A 121 18.04 13.92 5.32
C ARG A 121 17.92 12.41 5.55
N LEU A 122 18.34 11.92 6.71
CA LEU A 122 18.12 10.52 7.06
C LEU A 122 16.63 10.23 7.17
N THR A 123 15.87 11.25 7.52
CA THR A 123 14.42 11.13 7.61
C THR A 123 13.74 11.49 6.29
N ASN A 124 14.32 12.44 5.56
CA ASN A 124 13.67 13.01 4.39
C ASN A 124 14.67 13.33 3.29
N PRO A 125 15.24 12.27 2.67
CA PRO A 125 16.32 12.37 1.69
C PRO A 125 15.98 13.23 0.47
N LEU A 126 14.71 13.30 0.12
CA LEU A 126 14.29 13.99 -1.09
C LEU A 126 13.64 15.35 -0.82
N GLY A 127 13.46 15.68 0.45
CA GLY A 127 12.84 16.94 0.80
C GLY A 127 11.36 16.92 0.51
N PHE A 128 10.78 15.73 0.56
CA PHE A 128 9.34 15.57 0.41
C PHE A 128 8.64 16.50 1.38
N ASN A 129 7.59 17.16 0.91
CA ASN A 129 6.89 18.16 1.70
C ASN A 129 5.42 18.25 1.33
N VAL A 130 4.55 18.04 2.31
CA VAL A 130 3.11 18.04 2.09
C VAL A 130 2.52 19.42 2.33
N THR A 131 2.09 20.06 1.25
CA THR A 131 1.54 21.41 1.31
C THR A 131 0.08 21.45 1.76
N SER A 132 -0.70 20.46 1.36
CA SER A 132 -2.10 20.37 1.81
C SER A 132 -2.57 18.92 1.94
N TYR A 133 -3.56 18.70 2.79
CA TYR A 133 -4.02 17.35 3.10
C TYR A 133 -5.51 17.32 3.44
N ARG A 134 -6.25 16.47 2.73
CA ARG A 134 -7.67 16.26 3.01
C ARG A 134 -8.02 14.79 2.79
N VAL A 135 -8.88 14.27 3.65
CA VAL A 135 -9.31 12.88 3.51
C VAL A 135 -10.83 12.76 3.58
N ASP A 136 -11.41 12.19 2.53
CA ASP A 136 -12.86 12.05 2.45
C ASP A 136 -13.26 10.59 2.39
N PRO A 137 -14.48 10.29 2.85
CA PRO A 137 -15.04 8.93 2.81
C PRO A 137 -15.24 8.48 1.37
N GLU A 138 -15.40 7.18 1.16
CA GLU A 138 -15.57 6.65 -0.19
C GLU A 138 -16.90 5.92 -0.35
N SER B 1 -15.32 41.00 23.25
CA SER B 1 -14.16 41.30 22.43
C SER B 1 -14.55 41.55 20.98
N TYR B 2 -14.01 42.63 20.40
CA TYR B 2 -14.29 42.97 19.01
C TYR B 2 -13.73 41.92 18.06
N ASP B 3 -12.53 41.44 18.37
CA ASP B 3 -11.85 40.46 17.52
C ASP B 3 -12.55 39.10 17.54
N THR B 4 -13.01 38.70 18.72
CA THR B 4 -13.67 37.42 18.89
C THR B 4 -14.95 37.35 18.05
N VAL B 5 -15.75 38.41 18.13
CA VAL B 5 -16.99 38.49 17.36
C VAL B 5 -16.72 38.45 15.87
N MET B 6 -15.67 39.16 15.44
CA MET B 6 -15.32 39.21 14.02
C MET B 6 -14.76 37.89 13.51
N ASP B 7 -13.88 37.27 14.30
CA ASP B 7 -13.33 35.96 13.94
C ASP B 7 -14.45 34.94 13.75
N LYS B 8 -15.41 34.97 14.66
CA LYS B 8 -16.55 34.07 14.58
C LYS B 8 -17.32 34.28 13.28
N TYR B 9 -17.56 35.54 12.94
CA TYR B 9 -18.28 35.87 11.71
C TYR B 9 -17.61 35.22 10.49
N TRP B 10 -16.31 35.43 10.33
CA TRP B 10 -15.58 34.87 9.21
C TRP B 10 -15.45 33.35 9.24
N LEU B 11 -15.14 32.77 10.41
CA LEU B 11 -15.08 31.32 10.52
C LEU B 11 -16.43 30.73 10.13
N SER B 12 -17.50 31.37 10.59
CA SER B 12 -18.85 30.97 10.21
C SER B 12 -19.06 31.03 8.70
N GLN B 13 -18.79 32.18 8.10
CA GLN B 13 -18.93 32.36 6.65
C GLN B 13 -18.18 31.29 5.88
N TYR B 14 -16.92 31.08 6.25
CA TYR B 14 -16.08 30.12 5.56
C TYR B 14 -16.68 28.72 5.61
N VAL B 15 -17.05 28.28 6.81
CA VAL B 15 -17.60 26.95 6.98
C VAL B 15 -18.90 26.78 6.22
N ILE B 16 -19.78 27.77 6.33
CA ILE B 16 -21.02 27.73 5.58
C ILE B 16 -20.73 27.62 4.08
N ALA B 17 -19.81 28.45 3.60
CA ALA B 17 -19.45 28.44 2.19
C ALA B 17 -18.91 27.10 1.74
N ARG B 18 -18.10 26.49 2.60
CA ARG B 18 -17.35 25.30 2.23
C ARG B 18 -18.10 23.98 2.45
N GLU B 19 -18.98 23.94 3.44
CA GLU B 19 -19.68 22.70 3.76
C GLU B 19 -21.06 22.61 3.10
N THR B 20 -21.57 23.75 2.66
CA THR B 20 -22.86 23.78 1.98
C THR B 20 -22.76 23.18 0.58
N TYR B 21 -23.78 22.43 0.19
CA TYR B 21 -23.92 22.06 -1.22
C TYR B 21 -25.28 22.45 -1.78
N ASP B 22 -25.30 23.54 -2.54
CA ASP B 22 -26.50 23.97 -3.22
C ASP B 22 -26.15 24.38 -4.64
N TRP B 23 -26.49 23.51 -5.58
CA TRP B 23 -26.22 23.73 -7.00
C TRP B 23 -26.37 25.19 -7.44
N TYR B 24 -27.39 25.87 -6.94
CA TYR B 24 -27.70 27.23 -7.38
C TYR B 24 -26.81 28.32 -6.75
N THR B 25 -26.12 27.98 -5.67
CA THR B 25 -25.23 28.94 -5.02
C THR B 25 -23.79 28.42 -5.01
N LEU B 26 -23.55 27.37 -5.76
CA LEU B 26 -22.26 26.68 -5.73
C LEU B 26 -21.10 27.55 -6.24
N GLN B 27 -21.32 28.31 -7.31
CA GLN B 27 -20.25 29.15 -7.85
C GLN B 27 -19.88 30.27 -6.88
N LYS B 28 -20.86 30.81 -6.18
CA LYS B 28 -20.61 31.88 -5.23
C LYS B 28 -19.91 31.36 -4.01
N ASP B 29 -20.35 30.22 -3.53
CA ASP B 29 -19.71 29.62 -2.37
C ASP B 29 -18.30 29.19 -2.73
N TYR B 30 -18.18 28.55 -3.90
CA TYR B 30 -16.90 28.13 -4.43
C TYR B 30 -15.91 29.28 -4.45
N GLU B 31 -16.35 30.44 -4.93
CA GLU B 31 -15.47 31.61 -5.03
C GLU B 31 -15.21 32.27 -3.68
N THR B 32 -16.22 32.26 -2.81
CA THR B 32 -16.04 32.74 -1.45
C THR B 32 -14.95 31.93 -0.75
N VAL B 33 -15.03 30.60 -0.84
CA VAL B 33 -14.03 29.72 -0.26
C VAL B 33 -12.65 30.01 -0.83
N GLY B 34 -12.55 30.06 -2.15
CA GLY B 34 -11.30 30.37 -2.80
C GLY B 34 -10.72 31.70 -2.38
N MET B 35 -11.57 32.72 -2.29
CA MET B 35 -11.11 34.06 -1.95
C MET B 35 -10.64 34.13 -0.50
N LEU B 36 -11.17 33.25 0.33
CA LEU B 36 -10.86 33.26 1.76
C LEU B 36 -9.75 32.27 2.12
N SER B 37 -9.30 31.49 1.14
CA SER B 37 -8.32 30.45 1.39
C SER B 37 -6.96 30.79 0.81
N SER B 38 -5.91 30.27 1.43
CA SER B 38 -4.58 30.31 0.85
C SER B 38 -4.62 29.51 -0.45
N PRO B 39 -3.65 29.73 -1.34
CA PRO B 39 -3.59 28.97 -2.60
C PRO B 39 -3.65 27.46 -2.39
N SER B 40 -2.85 26.94 -1.46
CA SER B 40 -2.80 25.50 -1.24
C SER B 40 -4.11 24.95 -0.67
N GLU B 41 -4.75 25.72 0.20
CA GLU B 41 -6.01 25.28 0.80
C GLU B 41 -7.15 25.44 -0.19
N GLY B 42 -7.02 26.40 -1.09
CA GLY B 42 -7.99 26.59 -2.16
C GLY B 42 -7.99 25.41 -3.11
N GLN B 43 -6.80 25.01 -3.54
CA GLN B 43 -6.65 23.86 -4.43
C GLN B 43 -7.15 22.57 -3.77
N SER B 44 -6.82 22.38 -2.49
CA SER B 44 -7.30 21.22 -1.75
C SER B 44 -8.82 21.16 -1.81
N TYR B 45 -9.46 22.31 -1.60
CA TYR B 45 -10.91 22.41 -1.71
C TYR B 45 -11.40 22.08 -3.12
N ALA B 46 -10.85 22.77 -4.11
CA ALA B 46 -11.26 22.62 -5.50
C ALA B 46 -11.21 21.18 -6.01
N SER B 47 -10.25 20.39 -5.52
CA SER B 47 -10.11 19.01 -5.98
C SER B 47 -11.43 18.27 -5.90
N GLN B 48 -12.28 18.71 -4.99
CA GLN B 48 -13.62 18.17 -4.81
C GLN B 48 -14.47 18.26 -6.07
N PHE B 49 -14.31 19.34 -6.83
CA PHE B 49 -15.12 19.57 -8.02
C PHE B 49 -14.35 19.28 -9.30
N GLN B 50 -13.32 18.45 -9.20
CA GLN B 50 -12.53 18.09 -10.38
C GLN B 50 -12.68 16.61 -10.71
N GLY B 51 -12.59 16.30 -12.00
CA GLY B 51 -12.77 14.93 -12.47
C GLY B 51 -14.21 14.63 -12.82
N ASP B 52 -14.46 13.40 -13.28
CA ASP B 52 -15.82 12.99 -13.64
C ASP B 52 -16.61 12.57 -12.40
N LYS B 53 -15.96 12.60 -11.24
CA LYS B 53 -16.65 12.34 -9.99
C LYS B 53 -16.82 13.65 -9.23
N ALA B 54 -16.63 14.76 -9.92
CA ALA B 54 -16.84 16.09 -9.36
C ALA B 54 -18.22 16.16 -8.70
N LEU B 55 -18.24 16.59 -7.45
CA LEU B 55 -19.49 16.65 -6.68
C LEU B 55 -20.67 17.14 -7.51
N ASP B 56 -20.48 18.26 -8.20
CA ASP B 56 -21.54 18.83 -9.02
C ASP B 56 -21.97 17.89 -10.14
N LYS B 57 -20.99 17.38 -10.89
CA LYS B 57 -21.26 16.44 -11.97
C LYS B 57 -22.00 15.21 -11.43
N GLN B 58 -21.89 14.99 -10.12
CA GLN B 58 -22.42 13.79 -9.49
C GLN B 58 -23.81 14.04 -8.91
N TYR B 59 -23.97 15.10 -8.13
CA TYR B 59 -25.24 15.40 -7.48
C TYR B 59 -26.12 16.29 -8.35
N GLY B 60 -25.53 17.30 -8.95
CA GLY B 60 -26.28 18.28 -9.72
C GLY B 60 -27.22 19.05 -8.81
N SER B 61 -28.52 18.97 -9.11
CA SER B 61 -29.52 19.70 -8.35
C SER B 61 -30.41 18.76 -7.53
N ASN B 62 -30.07 17.47 -7.54
CA ASN B 62 -30.88 16.46 -6.88
C ASN B 62 -30.46 16.23 -5.43
N VAL B 63 -29.43 16.95 -4.99
CA VAL B 63 -28.95 16.82 -3.63
C VAL B 63 -28.64 18.20 -3.05
N ARG B 64 -29.08 18.42 -1.81
CA ARG B 64 -28.79 19.67 -1.13
C ARG B 64 -28.26 19.40 0.27
N THR B 65 -27.17 20.08 0.64
CA THR B 65 -26.60 19.95 1.97
C THR B 65 -26.51 21.30 2.67
N SER B 66 -27.34 21.47 3.70
CA SER B 66 -27.39 22.72 4.44
C SER B 66 -26.55 22.64 5.71
N VAL B 67 -26.06 23.78 6.16
CA VAL B 67 -25.19 23.84 7.32
C VAL B 67 -25.82 24.62 8.47
N THR B 68 -25.61 24.16 9.69
CA THR B 68 -26.07 24.87 10.87
C THR B 68 -24.93 25.01 11.86
N ILE B 69 -24.50 26.25 12.11
CA ILE B 69 -23.41 26.47 13.05
C ILE B 69 -23.93 26.24 14.46
N VAL B 70 -23.20 25.44 15.23
CA VAL B 70 -23.62 25.11 16.60
C VAL B 70 -22.80 25.89 17.62
N SER B 71 -21.49 25.95 17.43
CA SER B 71 -20.63 26.74 18.28
C SER B 71 -19.31 27.04 17.59
N ILE B 72 -18.62 28.07 18.07
CA ILE B 72 -17.35 28.49 17.51
C ILE B 72 -16.40 28.94 18.60
N VAL B 73 -15.21 28.36 18.64
CA VAL B 73 -14.18 28.81 19.55
C VAL B 73 -12.92 29.20 18.78
N PRO B 74 -12.61 30.50 18.78
CA PRO B 74 -11.26 30.95 18.38
C PRO B 74 -10.35 30.72 19.57
N ASN B 75 -9.09 30.41 19.35
CA ASN B 75 -8.17 30.23 20.47
C ASN B 75 -7.21 31.41 20.62
N GLY B 76 -7.35 32.39 19.73
CA GLY B 76 -6.50 33.57 19.76
C GLY B 76 -5.08 33.26 19.32
N LYS B 77 -4.86 32.02 18.92
CA LYS B 77 -3.55 31.58 18.46
C LYS B 77 -3.63 31.13 17.00
N GLY B 78 -4.58 31.68 16.25
CA GLY B 78 -4.70 31.40 14.83
C GLY B 78 -5.45 30.12 14.51
N ILE B 79 -5.96 29.44 15.54
CA ILE B 79 -6.75 28.24 15.34
C ILE B 79 -8.19 28.48 15.77
N GLY B 80 -9.13 28.07 14.92
CA GLY B 80 -10.54 28.20 15.24
C GLY B 80 -11.23 26.85 15.20
N THR B 81 -12.19 26.66 16.09
CA THR B 81 -12.92 25.40 16.14
C THR B 81 -14.40 25.65 15.95
N VAL B 82 -14.96 25.08 14.89
CA VAL B 82 -16.37 25.28 14.56
C VAL B 82 -17.16 23.97 14.60
N ARG B 83 -18.07 23.87 15.57
CA ARG B 83 -18.99 22.74 15.63
C ARG B 83 -20.23 23.06 14.80
N PHE B 84 -20.58 22.17 13.87
CA PHE B 84 -21.74 22.40 13.02
C PHE B 84 -22.44 21.10 12.66
N ALA B 85 -23.65 21.24 12.14
CA ALA B 85 -24.42 20.11 11.64
C ALA B 85 -24.62 20.22 10.14
N LYS B 86 -24.56 19.09 9.45
CA LYS B 86 -24.89 19.04 8.03
C LYS B 86 -26.17 18.25 7.86
N THR B 87 -27.01 18.68 6.93
CA THR B 87 -28.24 17.97 6.63
C THR B 87 -28.41 17.78 5.13
N THR B 88 -28.25 16.55 4.66
CA THR B 88 -28.33 16.24 3.24
C THR B 88 -29.65 15.62 2.84
N LYS B 89 -30.40 16.31 1.98
CA LYS B 89 -31.66 15.80 1.46
C LYS B 89 -31.52 15.55 -0.05
N ARG B 90 -32.32 14.63 -0.56
CA ARG B 90 -32.39 14.42 -2.01
C ARG B 90 -33.70 14.97 -2.55
N THR B 91 -33.60 15.97 -3.43
CA THR B 91 -34.77 16.62 -4.01
C THR B 91 -35.03 16.13 -5.43
N ASP B 96 -36.83 13.61 5.86
CA ASP B 96 -36.18 14.91 6.03
C ASP B 96 -34.66 14.81 6.07
N GLY B 97 -34.11 13.91 5.25
CA GLY B 97 -32.67 13.76 5.11
C GLY B 97 -31.93 13.42 6.38
N GLU B 98 -30.69 12.97 6.23
CA GLU B 98 -29.86 12.62 7.37
C GLU B 98 -29.02 13.82 7.85
N THR B 99 -28.88 13.92 9.17
CA THR B 99 -28.11 15.00 9.76
C THR B 99 -26.91 14.43 10.50
N THR B 100 -25.76 15.05 10.30
CA THR B 100 -24.55 14.62 10.99
C THR B 100 -23.85 15.81 11.64
N HIS B 101 -23.04 15.53 12.66
CA HIS B 101 -22.39 16.59 13.41
C HIS B 101 -20.90 16.53 13.22
N TRP B 102 -20.27 17.68 13.17
CA TRP B 102 -18.87 17.76 12.80
C TRP B 102 -18.12 18.83 13.55
N ILE B 103 -16.80 18.70 13.58
CA ILE B 103 -15.95 19.73 14.13
C ILE B 103 -14.93 20.15 13.10
N ALA B 104 -14.94 21.44 12.76
CA ALA B 104 -13.94 21.98 11.87
C ALA B 104 -12.83 22.65 12.68
N THR B 105 -11.59 22.32 12.36
CA THR B 105 -10.47 23.02 12.96
C THR B 105 -9.82 23.83 11.86
N ILE B 106 -9.66 25.13 12.11
CA ILE B 106 -9.29 26.05 11.07
C ILE B 106 -8.10 26.90 11.47
N GLY B 107 -7.02 26.79 10.69
CA GLY B 107 -5.92 27.70 10.80
C GLY B 107 -6.25 28.92 9.97
N TYR B 108 -6.15 30.10 10.57
CA TYR B 108 -6.48 31.31 9.86
C TYR B 108 -5.65 32.48 10.33
N GLN B 109 -5.71 33.56 9.57
CA GLN B 109 -4.91 34.74 9.84
C GLN B 109 -5.55 35.89 9.08
N TYR B 110 -5.13 37.10 9.41
CA TYR B 110 -5.56 38.27 8.67
C TYR B 110 -4.37 38.89 7.96
N VAL B 111 -4.43 38.94 6.64
CA VAL B 111 -3.36 39.53 5.85
C VAL B 111 -3.71 40.95 5.45
N ASN B 112 -2.69 41.80 5.38
CA ASN B 112 -2.86 43.21 5.03
C ASN B 112 -3.85 43.42 3.89
N PRO B 113 -5.01 44.01 4.21
CA PRO B 113 -6.09 44.22 3.24
C PRO B 113 -5.74 45.26 2.18
N SER B 114 -4.74 46.08 2.47
CA SER B 114 -4.32 47.10 1.50
C SER B 114 -3.69 46.46 0.26
N LEU B 115 -3.30 45.20 0.37
CA LEU B 115 -2.71 44.48 -0.75
C LEU B 115 -3.80 43.86 -1.64
N MET B 116 -5.00 44.39 -1.54
CA MET B 116 -6.12 43.92 -2.35
C MET B 116 -6.66 45.04 -3.23
N SER B 117 -7.37 44.66 -4.29
CA SER B 117 -8.18 45.61 -5.05
C SER B 117 -9.38 45.99 -4.19
N GLU B 118 -9.99 47.13 -4.46
CA GLU B 118 -11.16 47.52 -3.68
C GLU B 118 -12.31 46.53 -3.91
N SER B 119 -12.37 45.98 -5.11
CA SER B 119 -13.37 44.95 -5.41
C SER B 119 -13.22 43.80 -4.43
N ALA B 120 -12.01 43.25 -4.36
CA ALA B 120 -11.73 42.13 -3.46
C ALA B 120 -12.14 42.42 -2.01
N ARG B 121 -11.87 43.64 -1.55
CA ARG B 121 -12.21 44.04 -0.19
C ARG B 121 -13.71 44.10 0.08
N LEU B 122 -14.51 44.10 -0.98
CA LEU B 122 -15.96 43.99 -0.82
C LEU B 122 -16.32 42.55 -0.44
N THR B 123 -15.41 41.64 -0.74
CA THR B 123 -15.60 40.23 -0.43
C THR B 123 -14.89 39.85 0.87
N ASN B 124 -13.75 40.48 1.10
CA ASN B 124 -12.84 40.07 2.17
C ASN B 124 -12.13 41.26 2.80
N PRO B 125 -12.91 42.12 3.46
CA PRO B 125 -12.45 43.44 3.94
C PRO B 125 -11.29 43.40 4.92
N LEU B 126 -11.17 42.31 5.69
CA LEU B 126 -10.14 42.25 6.72
C LEU B 126 -8.93 41.44 6.28
N GLY B 127 -9.01 40.83 5.11
CA GLY B 127 -7.93 40.00 4.62
C GLY B 127 -7.90 38.66 5.34
N PHE B 128 -9.09 38.16 5.67
CA PHE B 128 -9.24 36.86 6.28
C PHE B 128 -8.69 35.80 5.33
N ASN B 129 -7.95 34.84 5.87
CA ASN B 129 -7.24 33.86 5.06
C ASN B 129 -7.04 32.53 5.78
N VAL B 130 -7.76 31.51 5.34
CA VAL B 130 -7.67 30.18 5.94
C VAL B 130 -6.42 29.43 5.45
N THR B 131 -5.48 29.21 6.36
CA THR B 131 -4.23 28.52 6.01
C THR B 131 -4.35 27.01 6.05
N SER B 132 -5.22 26.49 6.94
CA SER B 132 -5.46 25.04 6.98
C SER B 132 -6.89 24.74 7.42
N TYR B 133 -7.39 23.58 6.97
CA TYR B 133 -8.77 23.22 7.22
C TYR B 133 -8.93 21.71 7.36
N ARG B 134 -9.59 21.28 8.43
CA ARG B 134 -9.89 19.88 8.65
C ARG B 134 -11.21 19.71 9.38
N VAL B 135 -11.91 18.62 9.08
CA VAL B 135 -13.16 18.32 9.77
C VAL B 135 -13.21 16.87 10.26
N ASP B 136 -13.62 16.71 11.52
CA ASP B 136 -13.69 15.40 12.15
C ASP B 136 -15.06 15.21 12.77
N PRO B 137 -15.52 13.94 12.86
CA PRO B 137 -16.85 13.66 13.38
C PRO B 137 -16.84 13.79 14.90
N GLU B 138 -17.95 13.43 15.54
CA GLU B 138 -18.04 13.49 17.00
C GLU B 138 -17.32 12.33 17.67
N SER C 1 26.29 14.08 -3.79
CA SER C 1 25.71 13.15 -4.76
C SER C 1 24.31 12.72 -4.35
N TYR C 2 23.45 12.54 -5.34
CA TYR C 2 22.09 12.08 -5.09
C TYR C 2 22.11 10.69 -4.49
N ASP C 3 22.94 9.81 -5.07
CA ASP C 3 23.08 8.45 -4.59
C ASP C 3 23.53 8.43 -3.13
N THR C 4 24.52 9.25 -2.82
CA THR C 4 25.03 9.32 -1.45
C THR C 4 23.88 9.48 -0.46
N VAL C 5 23.04 10.48 -0.70
CA VAL C 5 21.95 10.78 0.22
C VAL C 5 20.95 9.62 0.32
N MET C 6 20.72 8.94 -0.80
CA MET C 6 19.78 7.84 -0.83
C MET C 6 20.35 6.60 -0.15
N ASP C 7 21.61 6.29 -0.45
CA ASP C 7 22.29 5.17 0.18
C ASP C 7 22.26 5.31 1.71
N LYS C 8 22.54 6.52 2.19
CA LYS C 8 22.54 6.80 3.63
C LYS C 8 21.16 6.57 4.23
N TYR C 9 20.12 6.91 3.47
CA TYR C 9 18.76 6.73 3.97
C TYR C 9 18.41 5.26 4.16
N TRP C 10 18.80 4.43 3.21
CA TRP C 10 18.49 3.00 3.27
C TRP C 10 19.37 2.25 4.25
N LEU C 11 20.66 2.59 4.27
CA LEU C 11 21.58 2.01 5.25
C LEU C 11 21.08 2.34 6.65
N SER C 12 20.59 3.55 6.83
CA SER C 12 20.05 3.98 8.11
C SER C 12 18.77 3.22 8.46
N GLN C 13 17.87 3.12 7.50
CA GLN C 13 16.63 2.39 7.71
C GLN C 13 16.94 0.95 8.10
N TYR C 14 17.90 0.35 7.40
CA TYR C 14 18.27 -1.04 7.64
C TYR C 14 18.82 -1.24 9.05
N VAL C 15 19.83 -0.47 9.41
CA VAL C 15 20.48 -0.61 10.71
C VAL C 15 19.49 -0.42 11.85
N ILE C 16 18.60 0.56 11.69
CA ILE C 16 17.59 0.82 12.71
C ILE C 16 16.65 -0.37 12.86
N ALA C 17 16.23 -0.94 11.72
CA ALA C 17 15.31 -2.08 11.74
C ALA C 17 15.98 -3.35 12.27
N ARG C 18 17.24 -3.55 11.89
CA ARG C 18 17.95 -4.76 12.28
C ARG C 18 18.44 -4.74 13.73
N GLU C 19 18.86 -3.58 14.22
CA GLU C 19 19.53 -3.50 15.52
C GLU C 19 18.60 -3.09 16.66
N THR C 20 17.33 -2.85 16.34
CA THR C 20 16.38 -2.35 17.33
C THR C 20 15.55 -3.49 17.92
N TYR C 21 15.33 -3.44 19.22
CA TYR C 21 14.32 -4.30 19.82
C TYR C 21 13.24 -3.49 20.50
N ASP C 22 12.05 -3.49 19.88
CA ASP C 22 10.89 -2.85 20.46
C ASP C 22 9.67 -3.72 20.21
N TRP C 23 9.12 -4.26 21.29
CA TRP C 23 8.00 -5.19 21.20
C TRP C 23 6.88 -4.65 20.30
N TYR C 24 6.69 -3.34 20.33
CA TYR C 24 5.56 -2.72 19.64
C TYR C 24 5.84 -2.37 18.18
N THR C 25 7.07 -2.60 17.73
CA THR C 25 7.44 -2.36 16.34
C THR C 25 8.20 -3.53 15.75
N LEU C 26 8.35 -4.59 16.55
CA LEU C 26 9.17 -5.74 16.16
C LEU C 26 8.76 -6.33 14.82
N GLN C 27 7.47 -6.60 14.65
CA GLN C 27 6.97 -7.16 13.39
C GLN C 27 7.37 -6.31 12.19
N LYS C 28 7.19 -4.99 12.32
CA LYS C 28 7.54 -4.07 11.24
C LYS C 28 9.04 -4.11 10.97
N ASP C 29 9.82 -4.05 12.05
CA ASP C 29 11.27 -4.06 11.92
C ASP C 29 11.71 -5.37 11.28
N TYR C 30 11.10 -6.47 11.76
CA TYR C 30 11.38 -7.81 11.28
C TYR C 30 11.14 -7.91 9.77
N GLU C 31 9.98 -7.41 9.33
CA GLU C 31 9.63 -7.49 7.91
C GLU C 31 10.44 -6.52 7.05
N THR C 32 10.98 -5.48 7.66
CA THR C 32 11.82 -4.55 6.93
C THR C 32 13.17 -5.18 6.63
N VAL C 33 13.79 -5.76 7.65
CA VAL C 33 15.01 -6.52 7.48
C VAL C 33 14.79 -7.57 6.40
N GLY C 34 13.70 -8.33 6.52
CA GLY C 34 13.36 -9.34 5.54
C GLY C 34 13.32 -8.80 4.14
N MET C 35 12.50 -7.77 3.93
CA MET C 35 12.30 -7.21 2.60
C MET C 35 13.58 -6.59 2.02
N LEU C 36 14.51 -6.20 2.89
CA LEU C 36 15.72 -5.51 2.45
C LEU C 36 16.97 -6.39 2.38
N SER C 37 16.85 -7.62 2.85
CA SER C 37 18.00 -8.54 2.90
C SER C 37 17.92 -9.64 1.85
N SER C 38 19.07 -10.22 1.54
CA SER C 38 19.13 -11.45 0.77
C SER C 38 18.59 -12.56 1.66
N PRO C 39 18.21 -13.70 1.08
CA PRO C 39 17.69 -14.83 1.85
C PRO C 39 18.61 -15.19 3.01
N SER C 40 19.91 -15.33 2.73
CA SER C 40 20.87 -15.68 3.77
C SER C 40 20.90 -14.65 4.90
N GLU C 41 21.08 -13.37 4.55
CA GLU C 41 21.11 -12.32 5.55
C GLU C 41 19.79 -12.24 6.32
N GLY C 42 18.69 -12.38 5.59
CA GLY C 42 17.38 -12.40 6.22
C GLY C 42 17.24 -13.52 7.23
N GLN C 43 17.67 -14.72 6.86
CA GLN C 43 17.57 -15.87 7.74
C GLN C 43 18.49 -15.72 8.94
N SER C 44 19.72 -15.26 8.68
CA SER C 44 20.65 -14.98 9.76
C SER C 44 19.98 -14.15 10.84
N TYR C 45 19.35 -13.05 10.42
CA TYR C 45 18.61 -12.19 11.32
C TYR C 45 17.45 -12.95 11.97
N ALA C 46 16.71 -13.71 11.17
CA ALA C 46 15.54 -14.42 11.66
C ALA C 46 15.87 -15.42 12.77
N SER C 47 17.06 -16.02 12.67
CA SER C 47 17.50 -17.00 13.65
C SER C 47 17.28 -16.50 15.07
N GLN C 48 17.58 -15.24 15.30
CA GLN C 48 17.45 -14.64 16.63
C GLN C 48 16.04 -14.72 17.20
N PHE C 49 15.06 -14.96 16.33
CA PHE C 49 13.67 -14.99 16.77
C PHE C 49 13.04 -16.36 16.58
N GLN C 50 13.89 -17.38 16.46
CA GLN C 50 13.42 -18.75 16.31
C GLN C 50 13.89 -19.59 17.49
N GLY C 51 12.94 -20.24 18.16
CA GLY C 51 13.26 -21.10 19.29
C GLY C 51 12.58 -20.68 20.58
N ASP C 52 12.89 -21.40 21.66
CA ASP C 52 12.32 -21.11 22.97
C ASP C 52 13.16 -20.06 23.67
N LYS C 53 14.13 -19.52 22.95
CA LYS C 53 14.99 -18.47 23.48
C LYS C 53 14.87 -17.22 22.63
N ALA C 54 14.01 -17.27 21.62
CA ALA C 54 13.73 -16.13 20.76
C ALA C 54 13.55 -14.88 21.61
N LEU C 55 14.15 -13.78 21.18
CA LEU C 55 14.16 -12.56 21.99
C LEU C 55 12.76 -12.06 22.37
N ASP C 56 11.81 -12.17 21.45
CA ASP C 56 10.44 -11.75 21.75
C ASP C 56 9.84 -12.49 22.95
N LYS C 57 10.02 -13.81 23.00
CA LYS C 57 9.59 -14.60 24.15
C LYS C 57 10.43 -14.24 25.38
N GLN C 58 11.72 -14.05 25.15
CA GLN C 58 12.66 -13.75 26.22
C GLN C 58 12.40 -12.38 26.83
N TYR C 59 12.29 -11.37 25.98
CA TYR C 59 12.19 -9.97 26.42
C TYR C 59 10.75 -9.49 26.66
N GLY C 60 9.83 -9.97 25.84
CA GLY C 60 8.47 -9.45 25.88
C GLY C 60 8.49 -7.95 25.62
N SER C 61 7.71 -7.21 26.42
CA SER C 61 7.71 -5.76 26.31
C SER C 61 8.41 -5.14 27.52
N ASN C 62 9.23 -5.93 28.19
CA ASN C 62 9.92 -5.48 29.38
C ASN C 62 11.33 -4.98 29.10
N VAL C 63 11.76 -5.15 27.86
CA VAL C 63 13.09 -4.72 27.43
C VAL C 63 13.02 -4.00 26.10
N ARG C 64 13.66 -2.83 26.02
CA ARG C 64 13.73 -2.11 24.76
C ARG C 64 15.15 -1.72 24.42
N THR C 65 15.51 -1.89 23.15
CA THR C 65 16.83 -1.52 22.67
C THR C 65 16.73 -0.45 21.58
N SER C 66 17.31 0.71 21.86
CA SER C 66 17.23 1.86 20.96
C SER C 66 18.53 2.05 20.18
N VAL C 67 18.42 2.54 18.95
CA VAL C 67 19.58 2.77 18.11
C VAL C 67 19.68 4.23 17.68
N THR C 68 20.90 4.75 17.68
CA THR C 68 21.17 6.10 17.22
C THR C 68 22.31 6.08 16.22
N ILE C 69 22.01 6.35 14.96
CA ILE C 69 23.05 6.43 13.95
C ILE C 69 23.98 7.58 14.29
N VAL C 70 25.28 7.37 14.16
CA VAL C 70 26.26 8.41 14.43
C VAL C 70 26.91 8.90 13.15
N SER C 71 27.23 7.96 12.27
CA SER C 71 27.75 8.31 10.95
C SER C 71 27.57 7.17 9.95
N ILE C 72 27.46 7.53 8.68
CA ILE C 72 27.30 6.58 7.60
C ILE C 72 28.25 6.93 6.47
N VAL C 73 29.08 5.97 6.08
CA VAL C 73 30.02 6.17 5.00
C VAL C 73 29.89 5.07 3.94
N PRO C 74 29.25 5.40 2.81
CA PRO C 74 29.27 4.51 1.64
C PRO C 74 30.57 4.72 0.87
N ASN C 75 31.13 3.66 0.31
CA ASN C 75 32.38 3.77 -0.44
C ASN C 75 32.18 3.80 -1.94
N GLY C 76 30.93 3.74 -2.37
CA GLY C 76 30.60 3.76 -3.79
C GLY C 76 30.80 2.40 -4.45
N LYS C 77 31.47 1.49 -3.77
CA LYS C 77 31.71 0.15 -4.28
C LYS C 77 30.73 -0.87 -3.69
N GLY C 78 29.60 -0.38 -3.19
CA GLY C 78 28.59 -1.24 -2.63
C GLY C 78 28.86 -1.67 -1.20
N ILE C 79 29.72 -0.93 -0.52
CA ILE C 79 29.97 -1.16 0.90
C ILE C 79 29.63 0.08 1.71
N GLY C 80 28.90 -0.11 2.80
CA GLY C 80 28.57 0.99 3.69
C GLY C 80 29.08 0.73 5.07
N THR C 81 29.54 1.78 5.75
CA THR C 81 29.97 1.67 7.14
C THR C 81 29.05 2.54 7.99
N VAL C 82 28.40 1.91 8.96
CA VAL C 82 27.48 2.63 9.83
C VAL C 82 27.91 2.54 11.29
N ARG C 83 28.32 3.67 11.85
CA ARG C 83 28.62 3.72 13.28
C ARG C 83 27.36 4.12 14.03
N PHE C 84 27.03 3.38 15.08
CA PHE C 84 25.81 3.66 15.82
C PHE C 84 25.96 3.29 17.30
N ALA C 85 25.03 3.78 18.10
CA ALA C 85 25.01 3.47 19.52
C ALA C 85 23.74 2.70 19.87
N LYS C 86 23.88 1.71 20.74
CA LYS C 86 22.72 0.98 21.23
C LYS C 86 22.53 1.24 22.71
N THR C 87 21.29 1.41 23.12
CA THR C 87 20.96 1.51 24.53
C THR C 87 19.88 0.50 24.86
N THR C 88 20.07 -0.23 25.95
CA THR C 88 19.06 -1.19 26.40
C THR C 88 18.54 -0.84 27.78
N LYS C 89 17.24 -0.58 27.88
CA LYS C 89 16.61 -0.29 29.16
C LYS C 89 15.66 -1.41 29.55
N ARG C 90 15.23 -1.39 30.81
CA ARG C 90 14.27 -2.36 31.30
C ARG C 90 12.95 -1.69 31.65
N THR C 91 11.91 -2.01 30.89
CA THR C 91 10.59 -1.44 31.10
C THR C 91 10.00 -1.90 32.43
N ASP C 96 18.46 4.56 32.88
CA ASP C 96 19.14 5.07 31.69
C ASP C 96 19.64 3.92 30.81
N GLY C 97 19.92 2.79 31.44
CA GLY C 97 20.37 1.61 30.72
C GLY C 97 21.80 1.72 30.25
N GLU C 98 22.35 0.61 29.80
CA GLU C 98 23.74 0.59 29.33
C GLU C 98 23.84 0.88 27.83
N THR C 99 24.80 1.70 27.46
CA THR C 99 25.02 2.04 26.06
C THR C 99 26.31 1.42 25.52
N THR C 100 26.21 0.84 24.33
CA THR C 100 27.38 0.29 23.66
C THR C 100 27.54 0.93 22.29
N HIS C 101 28.74 0.81 21.71
CA HIS C 101 29.04 1.47 20.45
C HIS C 101 29.55 0.47 19.41
N TRP C 102 29.03 0.57 18.20
CA TRP C 102 29.26 -0.45 17.19
C TRP C 102 29.55 0.12 15.81
N ILE C 103 30.14 -0.72 14.96
CA ILE C 103 30.42 -0.38 13.58
C ILE C 103 29.84 -1.49 12.71
N ALA C 104 28.93 -1.13 11.81
CA ALA C 104 28.34 -2.11 10.91
C ALA C 104 28.94 -1.96 9.52
N THR C 105 29.49 -3.05 9.01
CA THR C 105 29.98 -3.07 7.64
C THR C 105 28.95 -3.78 6.77
N ILE C 106 28.43 -3.07 5.79
CA ILE C 106 27.28 -3.56 5.03
C ILE C 106 27.57 -3.64 3.55
N GLY C 107 27.44 -4.85 3.01
CA GLY C 107 27.51 -5.04 1.58
C GLY C 107 26.09 -4.92 1.04
N TYR C 108 25.90 -4.07 0.04
CA TYR C 108 24.56 -3.80 -0.45
C TYR C 108 24.53 -3.47 -1.93
N GLN C 109 23.37 -3.65 -2.54
CA GLN C 109 23.18 -3.37 -3.96
C GLN C 109 21.74 -2.95 -4.19
N TYR C 110 21.48 -2.34 -5.35
CA TYR C 110 20.12 -2.07 -5.77
C TYR C 110 19.77 -2.96 -6.96
N VAL C 111 18.75 -3.81 -6.79
CA VAL C 111 18.29 -4.67 -7.88
C VAL C 111 17.10 -4.03 -8.60
N ASN C 112 16.94 -4.36 -9.87
CA ASN C 112 15.87 -3.80 -10.68
C ASN C 112 14.53 -3.83 -9.95
N PRO C 113 14.04 -2.64 -9.55
CA PRO C 113 12.81 -2.49 -8.76
C PRO C 113 11.56 -3.01 -9.47
N SER C 114 11.65 -3.27 -10.77
CA SER C 114 10.50 -3.78 -11.51
C SER C 114 10.31 -5.29 -11.31
N LEU C 115 11.25 -5.91 -10.59
CA LEU C 115 11.16 -7.33 -10.29
C LEU C 115 10.39 -7.57 -9.00
N MET C 116 9.54 -6.61 -8.64
CA MET C 116 8.70 -6.71 -7.45
C MET C 116 7.26 -6.41 -7.83
N SER C 117 6.34 -6.77 -6.95
CA SER C 117 4.97 -6.29 -7.05
C SER C 117 4.93 -4.82 -6.69
N GLU C 118 3.83 -4.14 -7.00
CA GLU C 118 3.68 -2.75 -6.63
C GLU C 118 3.60 -2.62 -5.10
N SER C 119 3.00 -3.63 -4.46
CA SER C 119 2.94 -3.64 -3.00
C SER C 119 4.33 -3.65 -2.41
N ALA C 120 5.20 -4.47 -2.99
CA ALA C 120 6.57 -4.58 -2.51
C ALA C 120 7.30 -3.25 -2.66
N ARG C 121 7.06 -2.56 -3.76
CA ARG C 121 7.72 -1.29 -4.02
C ARG C 121 7.35 -0.20 -3.01
N LEU C 122 6.22 -0.38 -2.32
CA LEU C 122 5.85 0.52 -1.24
C LEU C 122 6.81 0.43 -0.07
N THR C 123 7.45 -0.73 0.07
CA THR C 123 8.39 -0.96 1.16
C THR C 123 9.83 -0.77 0.71
N ASN C 124 10.10 -1.17 -0.53
CA ASN C 124 11.46 -1.10 -1.09
C ASN C 124 11.47 -0.53 -2.51
N PRO C 125 11.20 0.78 -2.62
CA PRO C 125 10.98 1.47 -3.89
C PRO C 125 12.10 1.25 -4.89
N LEU C 126 13.33 1.11 -4.41
CA LEU C 126 14.49 1.09 -5.28
C LEU C 126 15.11 -0.29 -5.41
N GLY C 127 14.55 -1.25 -4.67
CA GLY C 127 15.10 -2.60 -4.67
C GLY C 127 16.40 -2.67 -3.90
N PHE C 128 16.52 -1.87 -2.85
CA PHE C 128 17.66 -1.92 -1.94
C PHE C 128 17.79 -3.35 -1.40
N ASN C 129 19.00 -3.89 -1.42
CA ASN C 129 19.23 -5.26 -1.01
C ASN C 129 20.57 -5.47 -0.33
N VAL C 130 20.53 -5.96 0.90
CA VAL C 130 21.72 -6.18 1.71
C VAL C 130 22.19 -7.63 1.60
N THR C 131 23.43 -7.82 1.14
CA THR C 131 23.98 -9.14 0.94
C THR C 131 24.87 -9.60 2.10
N SER C 132 25.52 -8.64 2.75
CA SER C 132 26.38 -8.94 3.89
C SER C 132 26.18 -7.96 5.04
N TYR C 133 26.40 -8.42 6.26
CA TYR C 133 26.17 -7.61 7.43
C TYR C 133 27.00 -8.10 8.61
N ARG C 134 28.09 -7.41 8.91
CA ARG C 134 28.89 -7.72 10.10
C ARG C 134 29.02 -6.49 10.98
N VAL C 135 28.72 -6.65 12.26
CA VAL C 135 28.85 -5.57 13.22
C VAL C 135 29.97 -5.84 14.21
N ASP C 136 30.89 -4.89 14.33
CA ASP C 136 31.99 -4.98 15.27
C ASP C 136 31.89 -3.86 16.29
N PRO C 137 32.46 -4.06 17.49
CA PRO C 137 32.53 -3.00 18.50
C PRO C 137 33.45 -1.87 18.03
N GLU C 138 33.31 -0.70 18.64
CA GLU C 138 34.10 0.47 18.26
C GLU C 138 35.56 0.29 18.65
N SER D 1 0.02 -18.61 11.97
CA SER D 1 -0.08 -20.03 11.65
C SER D 1 0.37 -20.32 10.22
N TYR D 2 0.74 -21.56 9.95
CA TYR D 2 1.04 -21.99 8.61
C TYR D 2 -0.25 -21.99 7.79
N ASP D 3 -1.33 -22.41 8.44
CA ASP D 3 -2.64 -22.48 7.80
C ASP D 3 -3.13 -21.10 7.43
N THR D 4 -2.98 -20.15 8.36
CA THR D 4 -3.45 -18.80 8.15
C THR D 4 -2.81 -18.16 6.90
N VAL D 5 -1.52 -18.32 6.76
CA VAL D 5 -0.81 -17.80 5.59
C VAL D 5 -1.34 -18.44 4.31
N MET D 6 -1.47 -19.76 4.34
CA MET D 6 -1.93 -20.50 3.16
C MET D 6 -3.38 -20.17 2.83
N ASP D 7 -4.23 -20.16 3.85
CA ASP D 7 -5.63 -19.80 3.68
C ASP D 7 -5.77 -18.45 3.00
N LYS D 8 -5.03 -17.46 3.51
CA LYS D 8 -5.07 -16.12 2.94
C LYS D 8 -4.66 -16.16 1.47
N TYR D 9 -3.65 -16.97 1.16
CA TYR D 9 -3.19 -17.09 -0.21
C TYR D 9 -4.30 -17.54 -1.16
N TRP D 10 -4.98 -18.63 -0.79
CA TRP D 10 -6.02 -19.19 -1.64
C TRP D 10 -7.30 -18.36 -1.63
N LEU D 11 -7.67 -17.86 -0.45
CA LEU D 11 -8.83 -16.97 -0.36
C LEU D 11 -8.62 -15.75 -1.25
N SER D 12 -7.39 -15.26 -1.29
CA SER D 12 -7.04 -14.12 -2.12
C SER D 12 -7.10 -14.47 -3.61
N GLN D 13 -6.45 -15.58 -3.98
CA GLN D 13 -6.45 -16.04 -5.35
C GLN D 13 -7.87 -16.18 -5.87
N TYR D 14 -8.75 -16.68 -5.01
CA TYR D 14 -10.14 -16.92 -5.36
C TYR D 14 -10.89 -15.63 -5.68
N VAL D 15 -10.92 -14.72 -4.72
CA VAL D 15 -11.64 -13.45 -4.88
C VAL D 15 -11.14 -12.66 -6.08
N ILE D 16 -9.82 -12.62 -6.24
CA ILE D 16 -9.24 -11.90 -7.37
C ILE D 16 -9.67 -12.54 -8.68
N ALA D 17 -9.71 -13.86 -8.72
CA ALA D 17 -10.12 -14.58 -9.92
C ALA D 17 -11.61 -14.39 -10.21
N ARG D 18 -12.41 -14.39 -9.15
CA ARG D 18 -13.86 -14.38 -9.28
C ARG D 18 -14.48 -12.99 -9.43
N GLU D 19 -13.76 -11.96 -8.99
CA GLU D 19 -14.31 -10.61 -9.04
C GLU D 19 -13.69 -9.75 -10.16
N THR D 20 -12.51 -10.15 -10.60
CA THR D 20 -11.85 -9.46 -11.72
C THR D 20 -12.60 -9.68 -13.03
N TYR D 21 -12.62 -8.65 -13.86
CA TYR D 21 -13.05 -8.82 -15.25
C TYR D 21 -12.00 -8.26 -16.19
N ASP D 22 -11.17 -9.15 -16.72
CA ASP D 22 -10.14 -8.76 -17.66
C ASP D 22 -10.25 -9.66 -18.90
N TRP D 23 -10.70 -9.08 -20.00
CA TRP D 23 -10.94 -9.83 -21.22
C TRP D 23 -9.78 -10.75 -21.58
N TYR D 24 -8.56 -10.26 -21.41
CA TYR D 24 -7.38 -11.02 -21.79
C TYR D 24 -6.90 -11.98 -20.71
N THR D 25 -7.65 -12.10 -19.62
CA THR D 25 -7.32 -13.05 -18.55
C THR D 25 -8.56 -13.75 -18.02
N LEU D 26 -9.68 -13.59 -18.72
CA LEU D 26 -10.94 -14.15 -18.26
C LEU D 26 -10.92 -15.68 -18.23
N GLN D 27 -10.33 -16.27 -19.26
CA GLN D 27 -10.25 -17.72 -19.34
C GLN D 27 -9.56 -18.30 -18.11
N LYS D 28 -8.35 -17.82 -17.82
CA LYS D 28 -7.61 -18.27 -16.64
C LYS D 28 -8.41 -18.03 -15.37
N ASP D 29 -8.97 -16.83 -15.24
CA ASP D 29 -9.78 -16.50 -14.06
C ASP D 29 -10.98 -17.44 -13.97
N TYR D 30 -11.68 -17.58 -15.10
CA TYR D 30 -12.84 -18.45 -15.19
C TYR D 30 -12.50 -19.86 -14.70
N GLU D 31 -11.41 -20.42 -15.24
CA GLU D 31 -10.99 -21.76 -14.89
C GLU D 31 -10.52 -21.85 -13.45
N THR D 32 -9.85 -20.79 -12.98
CA THR D 32 -9.38 -20.75 -11.60
C THR D 32 -10.55 -20.83 -10.63
N VAL D 33 -11.61 -20.05 -10.91
CA VAL D 33 -12.81 -20.11 -10.10
C VAL D 33 -13.38 -21.52 -10.12
N GLY D 34 -13.41 -22.12 -11.31
CA GLY D 34 -13.91 -23.47 -11.47
C GLY D 34 -13.15 -24.48 -10.65
N MET D 35 -11.84 -24.55 -10.86
CA MET D 35 -11.00 -25.53 -10.18
C MET D 35 -11.05 -25.37 -8.67
N LEU D 36 -11.43 -24.18 -8.21
CA LEU D 36 -11.39 -23.86 -6.79
C LEU D 36 -12.77 -23.81 -6.14
N SER D 37 -13.82 -24.03 -6.94
CA SER D 37 -15.18 -23.97 -6.43
C SER D 37 -15.89 -25.32 -6.48
N SER D 38 -16.89 -25.49 -5.62
CA SER D 38 -17.76 -26.64 -5.68
C SER D 38 -18.68 -26.47 -6.89
N PRO D 39 -19.21 -27.58 -7.43
CA PRO D 39 -20.08 -27.53 -8.61
C PRO D 39 -21.08 -26.39 -8.55
N SER D 40 -21.82 -26.28 -7.45
CA SER D 40 -22.84 -25.25 -7.31
C SER D 40 -22.25 -23.85 -7.45
N GLU D 41 -21.25 -23.54 -6.63
CA GLU D 41 -20.61 -22.23 -6.66
C GLU D 41 -20.00 -21.91 -8.01
N GLY D 42 -19.27 -22.86 -8.57
CA GLY D 42 -18.66 -22.69 -9.87
C GLY D 42 -19.69 -22.37 -10.94
N GLN D 43 -20.83 -23.04 -10.89
CA GLN D 43 -21.89 -22.82 -11.86
C GLN D 43 -22.54 -21.47 -11.63
N SER D 44 -22.85 -21.17 -10.37
CA SER D 44 -23.40 -19.87 -10.01
C SER D 44 -22.56 -18.76 -10.61
N TYR D 45 -21.25 -18.88 -10.45
CA TYR D 45 -20.32 -17.95 -11.07
C TYR D 45 -20.49 -17.98 -12.58
N ALA D 46 -20.39 -19.17 -13.16
CA ALA D 46 -20.45 -19.33 -14.62
C ALA D 46 -21.68 -18.72 -15.25
N SER D 47 -22.80 -18.74 -14.53
CA SER D 47 -24.07 -18.26 -15.06
C SER D 47 -23.97 -16.83 -15.57
N GLN D 48 -23.06 -16.05 -14.98
CA GLN D 48 -22.89 -14.65 -15.37
C GLN D 48 -22.33 -14.50 -16.77
N PHE D 49 -21.96 -15.63 -17.38
CA PHE D 49 -21.34 -15.60 -18.71
C PHE D 49 -22.11 -16.46 -19.72
N GLN D 50 -23.29 -16.92 -19.32
CA GLN D 50 -24.14 -17.69 -20.20
C GLN D 50 -25.35 -16.88 -20.64
N GLY D 51 -25.67 -16.93 -21.92
CA GLY D 51 -26.81 -16.20 -22.45
C GLY D 51 -26.41 -15.00 -23.29
N ASP D 52 -27.40 -14.21 -23.71
CA ASP D 52 -27.14 -13.02 -24.51
C ASP D 52 -26.81 -11.83 -23.62
N LYS D 53 -26.91 -12.03 -22.31
CA LYS D 53 -26.57 -10.99 -21.35
C LYS D 53 -25.28 -11.35 -20.61
N ALA D 54 -24.50 -12.24 -21.22
CA ALA D 54 -23.21 -12.63 -20.67
C ALA D 54 -22.28 -11.43 -20.61
N LEU D 55 -21.57 -11.28 -19.50
CA LEU D 55 -20.64 -10.18 -19.32
C LEU D 55 -19.61 -10.13 -20.45
N ASP D 56 -19.03 -11.28 -20.78
CA ASP D 56 -18.02 -11.35 -21.83
C ASP D 56 -18.55 -10.84 -23.15
N LYS D 57 -19.86 -10.84 -23.31
CA LYS D 57 -20.51 -10.31 -24.50
C LYS D 57 -20.89 -8.85 -24.27
N GLN D 58 -21.40 -8.57 -23.08
CA GLN D 58 -21.88 -7.24 -22.73
C GLN D 58 -20.76 -6.20 -22.71
N TYR D 59 -19.66 -6.54 -22.03
CA TYR D 59 -18.54 -5.61 -21.89
C TYR D 59 -17.47 -5.82 -22.96
N GLY D 60 -17.19 -7.08 -23.26
CA GLY D 60 -16.11 -7.41 -24.17
C GLY D 60 -14.77 -6.97 -23.61
N SER D 61 -13.98 -6.28 -24.44
CA SER D 61 -12.68 -5.78 -24.01
C SER D 61 -12.69 -4.28 -23.83
N ASN D 62 -13.88 -3.73 -23.59
CA ASN D 62 -14.04 -2.29 -23.40
C ASN D 62 -14.19 -1.93 -21.93
N VAL D 63 -14.38 -2.96 -21.10
CA VAL D 63 -14.51 -2.78 -19.67
C VAL D 63 -13.53 -3.67 -18.93
N ARG D 64 -12.89 -3.11 -17.91
CA ARG D 64 -12.04 -3.91 -17.02
C ARG D 64 -12.36 -3.60 -15.57
N THR D 65 -12.37 -4.64 -14.74
CA THR D 65 -12.62 -4.47 -13.31
C THR D 65 -11.46 -5.01 -12.48
N SER D 66 -10.67 -4.09 -11.94
CA SER D 66 -9.52 -4.46 -11.11
C SER D 66 -9.97 -4.74 -9.68
N VAL D 67 -9.27 -5.65 -9.01
CA VAL D 67 -9.59 -5.99 -7.63
C VAL D 67 -8.36 -5.87 -6.74
N THR D 68 -8.56 -5.29 -5.56
CA THR D 68 -7.47 -5.16 -4.59
C THR D 68 -7.91 -5.68 -3.24
N ILE D 69 -7.20 -6.68 -2.73
CA ILE D 69 -7.50 -7.22 -1.42
C ILE D 69 -7.07 -6.22 -0.35
N VAL D 70 -7.92 -6.03 0.65
CA VAL D 70 -7.62 -5.09 1.72
C VAL D 70 -7.28 -5.85 3.01
N SER D 71 -8.12 -6.81 3.37
CA SER D 71 -7.87 -7.65 4.54
C SER D 71 -8.51 -9.03 4.38
N ILE D 72 -7.96 -10.01 5.10
CA ILE D 72 -8.50 -11.36 5.11
C ILE D 72 -8.42 -11.94 6.52
N VAL D 73 -9.58 -12.25 7.10
CA VAL D 73 -9.62 -12.90 8.40
C VAL D 73 -10.31 -14.25 8.32
N PRO D 74 -9.51 -15.33 8.30
CA PRO D 74 -10.06 -16.68 8.42
C PRO D 74 -10.42 -16.93 9.89
N ASN D 75 -11.55 -17.56 10.15
CA ASN D 75 -11.93 -17.86 11.53
C ASN D 75 -11.47 -19.26 11.95
N GLY D 76 -10.86 -19.98 11.01
CA GLY D 76 -10.37 -21.31 11.28
C GLY D 76 -11.51 -22.30 11.45
N LYS D 77 -12.68 -21.93 10.92
CA LYS D 77 -13.86 -22.79 10.99
C LYS D 77 -14.52 -22.89 9.62
N GLY D 78 -13.70 -22.88 8.57
CA GLY D 78 -14.20 -23.00 7.22
C GLY D 78 -14.89 -21.75 6.71
N ILE D 79 -14.71 -20.65 7.44
CA ILE D 79 -15.24 -19.35 7.02
C ILE D 79 -14.12 -18.33 6.89
N GLY D 80 -14.18 -17.54 5.82
CA GLY D 80 -13.19 -16.51 5.59
C GLY D 80 -13.82 -15.20 5.17
N THR D 81 -13.48 -14.12 5.87
CA THR D 81 -13.95 -12.81 5.48
C THR D 81 -12.88 -12.11 4.66
N VAL D 82 -13.27 -11.57 3.52
CA VAL D 82 -12.32 -10.88 2.66
C VAL D 82 -12.87 -9.52 2.20
N ARG D 83 -12.31 -8.46 2.76
CA ARG D 83 -12.66 -7.10 2.33
C ARG D 83 -11.78 -6.71 1.16
N PHE D 84 -12.41 -6.19 0.11
CA PHE D 84 -11.68 -5.85 -1.11
C PHE D 84 -12.33 -4.68 -1.85
N ALA D 85 -11.60 -4.14 -2.81
CA ALA D 85 -12.09 -3.02 -3.60
C ALA D 85 -12.21 -3.38 -5.08
N LYS D 86 -13.27 -2.89 -5.70
CA LYS D 86 -13.48 -3.08 -7.13
C LYS D 86 -13.33 -1.76 -7.87
N THR D 87 -12.60 -1.79 -8.98
CA THR D 87 -12.44 -0.61 -9.82
C THR D 87 -12.79 -0.91 -11.27
N THR D 88 -13.93 -0.41 -11.71
CA THR D 88 -14.37 -0.61 -13.09
C THR D 88 -14.06 0.62 -13.95
N LYS D 89 -13.20 0.45 -14.95
CA LYS D 89 -12.89 1.52 -15.88
C LYS D 89 -13.40 1.19 -17.28
N ARG D 90 -13.12 2.07 -18.23
CA ARG D 90 -13.42 1.82 -19.62
C ARG D 90 -12.13 1.88 -20.45
N THR D 91 -11.95 0.90 -21.32
CA THR D 91 -10.74 0.82 -22.15
C THR D 91 -10.71 1.92 -23.20
N ASP D 96 -10.31 7.77 -13.42
CA ASP D 96 -9.81 6.68 -12.60
C ASP D 96 -10.87 5.61 -12.39
N GLY D 97 -12.03 5.80 -13.00
CA GLY D 97 -13.13 4.86 -12.88
C GLY D 97 -13.65 4.77 -11.46
N GLU D 98 -14.91 4.35 -11.32
CA GLU D 98 -15.52 4.26 -10.00
C GLU D 98 -14.99 3.08 -9.21
N THR D 99 -14.81 3.29 -7.90
CA THR D 99 -14.29 2.26 -7.03
C THR D 99 -15.29 1.96 -5.90
N THR D 100 -15.61 0.68 -5.74
CA THR D 100 -16.53 0.25 -4.70
C THR D 100 -15.85 -0.73 -3.76
N HIS D 101 -16.41 -0.89 -2.57
CA HIS D 101 -15.77 -1.70 -1.53
C HIS D 101 -16.70 -2.78 -0.99
N TRP D 102 -16.17 -4.00 -0.85
CA TRP D 102 -17.01 -5.15 -0.57
C TRP D 102 -16.44 -6.07 0.49
N ILE D 103 -17.33 -6.82 1.14
CA ILE D 103 -16.94 -7.85 2.09
C ILE D 103 -17.42 -9.20 1.58
N ALA D 104 -16.48 -10.08 1.28
CA ALA D 104 -16.83 -11.43 0.84
C ALA D 104 -16.84 -12.41 2.01
N THR D 105 -17.98 -13.05 2.22
CA THR D 105 -18.10 -14.10 3.22
C THR D 105 -17.96 -15.45 2.53
N ILE D 106 -16.86 -16.14 2.81
CA ILE D 106 -16.48 -17.32 2.04
C ILE D 106 -16.43 -18.59 2.88
N GLY D 107 -17.28 -19.55 2.54
CA GLY D 107 -17.21 -20.88 3.13
C GLY D 107 -16.27 -21.73 2.31
N TYR D 108 -15.27 -22.31 2.96
CA TYR D 108 -14.26 -23.09 2.24
C TYR D 108 -13.76 -24.28 3.04
N GLN D 109 -13.02 -25.15 2.38
CA GLN D 109 -12.48 -26.35 3.01
C GLN D 109 -11.36 -26.95 2.16
N TYR D 110 -10.59 -27.85 2.75
CA TYR D 110 -9.56 -28.58 2.03
C TYR D 110 -9.92 -30.07 1.95
N VAL D 111 -9.94 -30.62 0.74
CA VAL D 111 -10.18 -32.05 0.57
C VAL D 111 -8.86 -32.76 0.32
N ASN D 112 -8.85 -34.08 0.47
CA ASN D 112 -7.63 -34.85 0.25
C ASN D 112 -7.08 -34.61 -1.16
N PRO D 113 -5.88 -34.03 -1.24
CA PRO D 113 -5.23 -33.66 -2.50
C PRO D 113 -5.13 -34.79 -3.52
N SER D 114 -5.07 -36.04 -3.06
CA SER D 114 -4.96 -37.16 -4.00
C SER D 114 -6.26 -37.41 -4.76
N LEU D 115 -7.31 -36.68 -4.41
CA LEU D 115 -8.58 -36.74 -5.12
C LEU D 115 -8.53 -36.05 -6.48
N MET D 116 -7.33 -35.76 -6.96
CA MET D 116 -7.17 -35.10 -8.25
C MET D 116 -6.08 -35.78 -9.06
N SER D 117 -6.08 -35.51 -10.36
CA SER D 117 -4.95 -35.88 -11.18
C SER D 117 -3.76 -35.01 -10.78
N GLU D 118 -2.55 -35.50 -11.02
CA GLU D 118 -1.34 -34.73 -10.75
C GLU D 118 -1.41 -33.40 -11.48
N SER D 119 -2.07 -33.39 -12.64
CA SER D 119 -2.20 -32.19 -13.44
C SER D 119 -3.17 -31.17 -12.83
N ALA D 120 -4.17 -31.67 -12.12
CA ALA D 120 -5.12 -30.79 -11.45
C ALA D 120 -4.50 -30.20 -10.20
N ARG D 121 -3.51 -30.91 -9.65
CA ARG D 121 -2.80 -30.43 -8.46
C ARG D 121 -1.83 -29.32 -8.83
N LEU D 122 -1.55 -29.16 -10.12
CA LEU D 122 -0.74 -28.05 -10.58
C LEU D 122 -1.55 -26.75 -10.57
N THR D 123 -2.82 -26.88 -10.19
CA THR D 123 -3.72 -25.74 -10.13
C THR D 123 -4.26 -25.57 -8.72
N ASN D 124 -4.44 -26.69 -8.03
CA ASN D 124 -5.03 -26.70 -6.69
C ASN D 124 -4.40 -27.80 -5.84
N PRO D 125 -3.16 -27.59 -5.39
CA PRO D 125 -2.33 -28.60 -4.74
C PRO D 125 -2.90 -29.09 -3.41
N LEU D 126 -3.63 -28.24 -2.72
CA LEU D 126 -4.08 -28.56 -1.37
C LEU D 126 -5.55 -28.91 -1.28
N GLY D 127 -6.20 -29.00 -2.44
CA GLY D 127 -7.62 -29.33 -2.47
C GLY D 127 -8.51 -28.23 -1.95
N PHE D 128 -8.04 -26.99 -2.11
CA PHE D 128 -8.82 -25.84 -1.67
C PHE D 128 -10.13 -25.79 -2.44
N ASN D 129 -11.24 -25.63 -1.72
CA ASN D 129 -12.55 -25.57 -2.35
C ASN D 129 -13.54 -24.62 -1.65
N VAL D 130 -14.17 -23.77 -2.45
CA VAL D 130 -15.17 -22.84 -1.94
C VAL D 130 -16.56 -23.43 -2.12
N THR D 131 -17.30 -23.53 -1.02
CA THR D 131 -18.61 -24.17 -1.03
C THR D 131 -19.75 -23.16 -0.88
N SER D 132 -19.42 -21.98 -0.37
CA SER D 132 -20.40 -20.90 -0.23
C SER D 132 -19.70 -19.56 -0.41
N TYR D 133 -20.39 -18.62 -1.04
CA TYR D 133 -19.77 -17.34 -1.38
C TYR D 133 -20.78 -16.20 -1.51
N ARG D 134 -20.84 -15.36 -0.49
CA ARG D 134 -21.68 -14.17 -0.54
C ARG D 134 -20.86 -12.91 -0.33
N VAL D 135 -21.21 -11.85 -1.06
CA VAL D 135 -20.49 -10.58 -0.98
C VAL D 135 -21.43 -9.41 -0.72
N ASP D 136 -21.13 -8.66 0.34
CA ASP D 136 -21.94 -7.51 0.72
C ASP D 136 -21.14 -6.23 0.56
N PRO D 137 -21.84 -5.07 0.49
CA PRO D 137 -21.17 -3.78 0.35
C PRO D 137 -20.66 -3.27 1.69
N GLU D 138 -19.69 -2.36 1.66
CA GLU D 138 -19.17 -1.75 2.88
C GLU D 138 -19.17 -0.23 2.77
N SER E 1 4.64 -36.60 -0.90
CA SER E 1 4.64 -35.84 0.35
C SER E 1 3.86 -34.55 0.22
N TYR E 2 3.71 -33.84 1.34
CA TYR E 2 3.11 -32.52 1.34
C TYR E 2 4.06 -31.54 0.66
N ASP E 3 5.34 -31.69 0.97
CA ASP E 3 6.38 -30.87 0.35
C ASP E 3 6.41 -31.14 -1.15
N THR E 4 6.18 -32.39 -1.53
CA THR E 4 6.28 -32.78 -2.93
C THR E 4 5.21 -32.12 -3.78
N VAL E 5 3.98 -32.13 -3.27
CA VAL E 5 2.86 -31.50 -3.96
C VAL E 5 3.07 -29.99 -4.08
N MET E 6 3.64 -29.39 -3.05
CA MET E 6 3.85 -27.96 -3.02
C MET E 6 4.99 -27.52 -3.93
N ASP E 7 6.10 -28.25 -3.89
CA ASP E 7 7.24 -27.96 -4.75
C ASP E 7 6.82 -27.97 -6.22
N LYS E 8 6.14 -29.03 -6.63
CA LYS E 8 5.70 -29.14 -8.02
C LYS E 8 4.83 -27.95 -8.41
N TYR E 9 4.02 -27.47 -7.46
CA TYR E 9 3.15 -26.33 -7.72
C TYR E 9 3.94 -25.07 -8.05
N TRP E 10 4.85 -24.70 -7.15
CA TRP E 10 5.63 -23.48 -7.31
C TRP E 10 6.58 -23.57 -8.50
N LEU E 11 7.23 -24.72 -8.64
CA LEU E 11 8.11 -24.92 -9.79
C LEU E 11 7.32 -24.69 -11.07
N SER E 12 6.12 -25.26 -11.13
CA SER E 12 5.23 -25.08 -12.27
C SER E 12 4.93 -23.59 -12.48
N GLN E 13 4.39 -22.96 -11.43
CA GLN E 13 4.14 -21.53 -11.46
C GLN E 13 5.33 -20.76 -11.98
N TYR E 14 6.52 -21.11 -11.50
CA TYR E 14 7.75 -20.42 -11.87
C TYR E 14 8.12 -20.62 -13.34
N VAL E 15 8.15 -21.87 -13.79
CA VAL E 15 8.50 -22.17 -15.17
C VAL E 15 7.51 -21.53 -16.13
N ILE E 16 6.24 -21.52 -15.74
CA ILE E 16 5.20 -20.92 -16.55
C ILE E 16 5.38 -19.40 -16.65
N ALA E 17 5.66 -18.76 -15.53
CA ALA E 17 5.86 -17.31 -15.51
C ALA E 17 7.11 -16.94 -16.29
N ARG E 18 8.17 -17.72 -16.12
CA ARG E 18 9.45 -17.41 -16.75
C ARG E 18 9.52 -17.74 -18.24
N GLU E 19 8.85 -18.80 -18.67
CA GLU E 19 8.97 -19.26 -20.05
C GLU E 19 7.84 -18.80 -20.97
N THR E 20 6.76 -18.29 -20.37
CA THR E 20 5.64 -17.79 -21.15
C THR E 20 5.94 -16.43 -21.74
N TYR E 21 5.47 -16.21 -22.97
CA TYR E 21 5.48 -14.86 -23.53
C TYR E 21 4.09 -14.45 -23.99
N ASP E 22 3.39 -13.71 -23.15
CA ASP E 22 2.09 -13.16 -23.49
C ASP E 22 2.09 -11.67 -23.17
N TRP E 23 2.18 -10.86 -24.22
CA TRP E 23 2.23 -9.40 -24.07
C TRP E 23 1.23 -8.87 -23.06
N TYR E 24 0.00 -9.40 -23.10
CA TYR E 24 -1.07 -8.90 -22.25
C TYR E 24 -0.92 -9.31 -20.79
N THR E 25 -0.03 -10.26 -20.51
CA THR E 25 0.24 -10.68 -19.14
C THR E 25 1.72 -10.65 -18.82
N LEU E 26 2.50 -10.06 -19.72
CA LEU E 26 3.95 -10.02 -19.57
C LEU E 26 4.37 -9.41 -18.23
N GLN E 27 3.78 -8.27 -17.88
CA GLN E 27 4.13 -7.57 -16.66
C GLN E 27 3.91 -8.44 -15.42
N LYS E 28 2.73 -9.04 -15.32
CA LYS E 28 2.43 -9.94 -14.21
C LYS E 28 3.45 -11.07 -14.10
N ASP E 29 3.72 -11.73 -15.22
CA ASP E 29 4.66 -12.85 -15.24
C ASP E 29 6.05 -12.39 -14.82
N TYR E 30 6.50 -11.30 -15.44
CA TYR E 30 7.79 -10.68 -15.16
C TYR E 30 7.97 -10.46 -13.66
N GLU E 31 6.95 -9.87 -13.03
CA GLU E 31 7.02 -9.58 -11.60
C GLU E 31 6.92 -10.83 -10.76
N THR E 32 6.20 -11.83 -11.27
CA THR E 32 6.10 -13.11 -10.58
C THR E 32 7.47 -13.78 -10.51
N VAL E 33 8.16 -13.77 -11.64
CA VAL E 33 9.53 -14.28 -11.68
C VAL E 33 10.35 -13.54 -10.65
N GLY E 34 10.29 -12.21 -10.69
CA GLY E 34 11.03 -11.37 -9.77
C GLY E 34 10.83 -11.75 -8.32
N MET E 35 9.58 -11.79 -7.89
CA MET E 35 9.26 -12.10 -6.50
C MET E 35 9.74 -13.49 -6.07
N LEU E 36 9.81 -14.41 -7.03
CA LEU E 36 10.14 -15.79 -6.71
C LEU E 36 11.60 -16.13 -6.97
N SER E 37 12.31 -15.20 -7.60
CA SER E 37 13.72 -15.42 -7.92
C SER E 37 14.64 -14.77 -6.89
N SER E 38 15.94 -14.98 -7.06
CA SER E 38 16.94 -14.25 -6.31
C SER E 38 17.37 -13.07 -7.18
N PRO E 39 18.09 -12.10 -6.61
CA PRO E 39 18.54 -10.95 -7.38
C PRO E 39 19.31 -11.36 -8.64
N SER E 40 20.20 -12.34 -8.49
CA SER E 40 21.05 -12.78 -9.60
C SER E 40 20.22 -13.36 -10.73
N GLU E 41 19.39 -14.35 -10.41
CA GLU E 41 18.53 -14.98 -11.42
C GLU E 41 17.47 -14.02 -11.95
N GLY E 42 16.90 -13.22 -11.06
CA GLY E 42 15.95 -12.20 -11.44
C GLY E 42 16.52 -11.30 -12.53
N GLN E 43 17.68 -10.72 -12.25
CA GLN E 43 18.34 -9.86 -13.23
C GLN E 43 18.74 -10.69 -14.45
N SER E 44 19.20 -11.91 -14.19
CA SER E 44 19.55 -12.84 -15.25
C SER E 44 18.36 -13.01 -16.19
N TYR E 45 17.16 -13.03 -15.61
CA TYR E 45 15.92 -13.15 -16.37
C TYR E 45 15.54 -11.83 -16.99
N ALA E 46 15.57 -10.77 -16.19
CA ALA E 46 15.15 -9.44 -16.64
C ALA E 46 15.91 -8.95 -17.86
N SER E 47 17.19 -9.32 -17.94
CA SER E 47 18.06 -8.88 -19.03
C SER E 47 17.39 -9.01 -20.39
N GLN E 48 16.63 -10.08 -20.59
CA GLN E 48 16.00 -10.36 -21.88
C GLN E 48 15.11 -9.21 -22.36
N PHE E 49 14.69 -8.36 -21.44
CA PHE E 49 13.76 -7.27 -21.78
C PHE E 49 14.45 -5.90 -21.71
N GLN E 50 15.76 -5.91 -21.61
CA GLN E 50 16.52 -4.66 -21.53
C GLN E 50 17.29 -4.39 -22.83
N GLY E 51 17.20 -3.15 -23.30
CA GLY E 51 17.86 -2.75 -24.54
C GLY E 51 16.87 -2.52 -25.66
N ASP E 52 17.40 -2.28 -26.86
CA ASP E 52 16.56 -2.11 -28.04
C ASP E 52 16.26 -3.46 -28.69
N LYS E 53 16.81 -4.51 -28.09
CA LYS E 53 16.61 -5.87 -28.58
C LYS E 53 15.76 -6.66 -27.59
N ALA E 54 15.04 -5.94 -26.74
CA ALA E 54 14.15 -6.55 -25.76
C ALA E 54 13.03 -7.32 -26.44
N LEU E 55 12.61 -8.43 -25.85
CA LEU E 55 11.56 -9.27 -26.43
C LEU E 55 10.26 -8.51 -26.63
N ASP E 56 9.81 -7.81 -25.59
CA ASP E 56 8.54 -7.09 -25.67
C ASP E 56 8.52 -6.08 -26.81
N LYS E 57 9.66 -5.45 -27.06
CA LYS E 57 9.80 -4.51 -28.17
C LYS E 57 9.96 -5.29 -29.47
N GLN E 58 10.66 -6.41 -29.38
CA GLN E 58 10.93 -7.27 -30.54
C GLN E 58 9.64 -7.86 -31.10
N TYR E 59 8.96 -8.67 -30.29
CA TYR E 59 7.75 -9.35 -30.73
C TYR E 59 6.52 -8.46 -30.67
N GLY E 60 6.28 -7.86 -29.51
CA GLY E 60 5.07 -7.10 -29.29
C GLY E 60 3.90 -8.03 -29.06
N SER E 61 2.71 -7.63 -29.52
CA SER E 61 1.53 -8.48 -29.39
C SER E 61 1.32 -9.30 -30.66
N ASN E 62 2.41 -9.50 -31.40
CA ASN E 62 2.36 -10.25 -32.65
C ASN E 62 2.91 -11.66 -32.49
N VAL E 63 3.36 -11.97 -31.29
CA VAL E 63 3.94 -13.28 -30.99
C VAL E 63 3.55 -13.75 -29.60
N ARG E 64 3.28 -15.04 -29.46
CA ARG E 64 2.98 -15.61 -28.15
C ARG E 64 3.61 -16.97 -27.95
N THR E 65 4.28 -17.15 -26.81
CA THR E 65 4.87 -18.43 -26.46
C THR E 65 4.10 -19.06 -25.29
N SER E 66 3.51 -20.21 -25.54
CA SER E 66 2.73 -20.91 -24.52
C SER E 66 3.53 -22.03 -23.87
N VAL E 67 3.18 -22.37 -22.64
CA VAL E 67 3.93 -23.37 -21.88
C VAL E 67 3.05 -24.51 -21.37
N THR E 68 3.55 -25.74 -21.51
CA THR E 68 2.87 -26.91 -20.98
C THR E 68 3.84 -27.72 -20.12
N ILE E 69 3.46 -27.98 -18.88
CA ILE E 69 4.29 -28.78 -17.98
C ILE E 69 4.10 -30.27 -18.26
N VAL E 70 5.14 -30.91 -18.76
CA VAL E 70 5.11 -32.35 -19.01
C VAL E 70 5.28 -33.13 -17.71
N SER E 71 6.44 -32.95 -17.07
CA SER E 71 6.72 -33.64 -15.81
C SER E 71 7.56 -32.76 -14.88
N ILE E 72 7.46 -33.05 -13.58
CA ILE E 72 8.20 -32.31 -12.58
C ILE E 72 8.78 -33.26 -11.54
N VAL E 73 10.10 -33.23 -11.37
CA VAL E 73 10.76 -34.08 -10.39
C VAL E 73 11.64 -33.30 -9.42
N PRO E 74 11.18 -33.17 -8.17
CA PRO E 74 12.00 -32.63 -7.08
C PRO E 74 12.88 -33.73 -6.50
N ASN E 75 14.17 -33.46 -6.35
CA ASN E 75 15.09 -34.47 -5.79
C ASN E 75 15.20 -34.37 -4.28
N GLY E 76 14.46 -33.44 -3.68
CA GLY E 76 14.45 -33.27 -2.24
C GLY E 76 15.75 -32.71 -1.71
N LYS E 77 16.53 -32.09 -2.60
CA LYS E 77 17.81 -31.51 -2.24
C LYS E 77 17.99 -30.12 -2.84
N GLY E 78 16.88 -29.39 -2.97
CA GLY E 78 16.93 -28.03 -3.49
C GLY E 78 17.10 -27.97 -4.99
N ILE E 79 17.02 -29.12 -5.65
CA ILE E 79 17.06 -29.16 -7.10
C ILE E 79 15.74 -29.70 -7.64
N GLY E 80 15.35 -29.22 -8.82
CA GLY E 80 14.10 -29.63 -9.42
C GLY E 80 14.21 -29.70 -10.92
N THR E 81 13.60 -30.73 -11.51
CA THR E 81 13.64 -30.89 -12.96
C THR E 81 12.23 -30.71 -13.53
N VAL E 82 12.12 -29.92 -14.58
CA VAL E 82 10.83 -29.65 -15.18
C VAL E 82 10.89 -29.83 -16.69
N ARG E 83 10.33 -30.94 -17.17
CA ARG E 83 10.15 -31.14 -18.59
C ARG E 83 8.93 -30.36 -19.03
N PHE E 84 9.09 -29.56 -20.07
CA PHE E 84 7.99 -28.75 -20.57
C PHE E 84 8.13 -28.47 -22.06
N ALA E 85 7.03 -28.07 -22.68
CA ALA E 85 7.03 -27.76 -24.09
C ALA E 85 6.62 -26.31 -24.31
N LYS E 86 7.24 -25.67 -25.31
CA LYS E 86 6.90 -24.30 -25.65
C LYS E 86 6.33 -24.24 -27.06
N THR E 87 5.26 -23.47 -27.23
CA THR E 87 4.64 -23.33 -28.54
C THR E 87 4.55 -21.86 -28.93
N THR E 88 5.29 -21.48 -29.97
CA THR E 88 5.32 -20.10 -30.41
C THR E 88 4.48 -19.91 -31.68
N LYS E 89 3.46 -19.07 -31.57
CA LYS E 89 2.62 -18.75 -32.71
C LYS E 89 2.85 -17.31 -33.17
N ARG E 90 2.08 -16.88 -34.16
CA ARG E 90 2.11 -15.49 -34.61
C ARG E 90 0.69 -14.93 -34.65
N THR E 91 0.48 -13.81 -33.97
CA THR E 91 -0.82 -13.16 -33.94
C THR E 91 -1.12 -12.42 -35.24
N ASP E 96 -0.26 -23.62 -36.38
CA ASP E 96 -0.18 -24.20 -35.04
C ASP E 96 1.15 -23.87 -34.36
N GLY E 97 2.00 -23.15 -35.09
CA GLY E 97 3.29 -22.72 -34.55
C GLY E 97 4.23 -23.87 -34.25
N GLU E 98 5.50 -23.55 -34.08
CA GLU E 98 6.51 -24.56 -33.78
C GLU E 98 6.57 -24.89 -32.29
N THR E 99 6.52 -26.17 -31.98
CA THR E 99 6.62 -26.63 -30.60
C THR E 99 8.02 -27.16 -30.34
N THR E 100 8.50 -26.97 -29.11
CA THR E 100 9.83 -27.45 -28.73
C THR E 100 9.80 -27.99 -27.31
N HIS E 101 10.80 -28.79 -26.96
CA HIS E 101 10.80 -29.44 -25.66
C HIS E 101 12.10 -29.17 -24.90
N TRP E 102 11.95 -28.86 -23.61
CA TRP E 102 13.07 -28.39 -22.82
C TRP E 102 13.07 -29.04 -21.44
N ILE E 103 14.25 -29.05 -20.83
CA ILE E 103 14.40 -29.52 -19.47
C ILE E 103 14.88 -28.37 -18.59
N ALA E 104 14.15 -28.09 -17.52
CA ALA E 104 14.51 -27.01 -16.62
C ALA E 104 15.13 -27.54 -15.33
N THR E 105 16.42 -27.32 -15.17
CA THR E 105 17.10 -27.68 -13.93
C THR E 105 17.06 -26.47 -13.02
N ILE E 106 16.39 -26.61 -11.88
CA ILE E 106 16.08 -25.46 -11.04
C ILE E 106 16.51 -25.63 -9.59
N GLY E 107 17.47 -24.82 -9.17
CA GLY E 107 17.85 -24.74 -7.78
C GLY E 107 16.88 -23.83 -7.06
N TYR E 108 16.43 -24.24 -5.87
CA TYR E 108 15.42 -23.46 -5.16
C TYR E 108 15.40 -23.80 -3.68
N GLN E 109 14.72 -22.93 -2.92
CA GLN E 109 14.67 -23.04 -1.47
C GLN E 109 13.46 -22.27 -0.97
N TYR E 110 13.15 -22.45 0.32
CA TYR E 110 12.08 -21.70 0.95
C TYR E 110 12.62 -20.89 2.13
N VAL E 111 12.67 -19.58 1.97
CA VAL E 111 13.13 -18.70 3.05
C VAL E 111 11.96 -18.40 3.99
N ASN E 112 12.29 -18.11 5.25
CA ASN E 112 11.26 -17.86 6.26
C ASN E 112 10.24 -16.81 5.82
N PRO E 113 8.99 -17.25 5.59
CA PRO E 113 7.89 -16.41 5.12
C PRO E 113 7.63 -15.17 5.98
N SER E 114 8.02 -15.21 7.24
CA SER E 114 7.78 -14.09 8.14
C SER E 114 8.68 -12.90 7.78
N LEU E 115 9.66 -13.16 6.92
CA LEU E 115 10.58 -12.12 6.46
C LEU E 115 10.01 -11.33 5.28
N MET E 116 8.68 -11.27 5.19
CA MET E 116 8.02 -10.50 4.14
C MET E 116 6.90 -9.67 4.73
N SER E 117 6.38 -8.75 3.93
CA SER E 117 5.17 -8.03 4.29
C SER E 117 4.01 -8.96 3.97
N GLU E 118 2.88 -8.74 4.64
CA GLU E 118 1.70 -9.55 4.36
C GLU E 118 1.32 -9.49 2.88
N SER E 119 1.50 -8.32 2.27
CA SER E 119 1.24 -8.17 0.84
C SER E 119 2.04 -9.17 0.03
N ALA E 120 3.33 -9.28 0.36
CA ALA E 120 4.22 -10.18 -0.36
C ALA E 120 3.83 -11.64 -0.17
N ARG E 121 3.31 -11.96 1.02
CA ARG E 121 2.93 -13.34 1.31
C ARG E 121 1.73 -13.80 0.48
N LEU E 122 0.96 -12.84 -0.02
CA LEU E 122 -0.17 -13.16 -0.90
C LEU E 122 0.34 -13.58 -2.27
N THR E 123 1.57 -13.26 -2.57
CA THR E 123 2.16 -13.68 -3.81
C THR E 123 3.01 -14.92 -3.60
N ASN E 124 3.76 -14.92 -2.52
CA ASN E 124 4.72 -15.96 -2.21
C ASN E 124 4.64 -16.43 -0.80
N PRO E 125 3.59 -17.14 -0.47
CA PRO E 125 3.27 -17.54 0.89
C PRO E 125 4.31 -18.40 1.54
N LEU E 126 4.99 -19.22 0.78
CA LEU E 126 5.96 -20.10 1.38
C LEU E 126 7.39 -19.61 1.32
N GLY E 127 7.67 -18.48 0.70
CA GLY E 127 9.04 -18.03 0.60
C GLY E 127 9.79 -18.62 -0.56
N PHE E 128 9.08 -19.28 -1.44
CA PHE E 128 9.69 -19.94 -2.56
C PHE E 128 10.68 -19.03 -3.25
N ASN E 129 11.91 -19.51 -3.42
CA ASN E 129 12.98 -18.70 -3.98
C ASN E 129 13.90 -19.51 -4.89
N VAL E 130 13.98 -19.11 -6.16
CA VAL E 130 14.80 -19.79 -7.14
C VAL E 130 16.21 -19.18 -7.17
N THR E 131 17.21 -20.00 -6.82
CA THR E 131 18.60 -19.52 -6.76
C THR E 131 19.37 -19.84 -8.03
N SER E 132 18.88 -20.81 -8.80
CA SER E 132 19.52 -21.19 -10.06
C SER E 132 18.49 -21.68 -11.07
N TYR E 133 18.77 -21.48 -12.35
CA TYR E 133 17.82 -21.82 -13.38
C TYR E 133 18.48 -21.96 -14.75
N ARG E 134 18.60 -23.20 -15.22
CA ARG E 134 19.12 -23.47 -16.56
C ARG E 134 18.16 -24.34 -17.36
N VAL E 135 18.11 -24.11 -18.66
CA VAL E 135 17.23 -24.86 -19.55
C VAL E 135 18.00 -25.49 -20.71
N ASP E 136 17.85 -26.81 -20.86
CA ASP E 136 18.50 -27.54 -21.94
C ASP E 136 17.46 -28.16 -22.85
N PRO E 137 17.78 -28.32 -24.15
CA PRO E 137 16.88 -29.02 -25.07
C PRO E 137 16.84 -30.51 -24.75
N GLU E 138 15.99 -31.26 -25.47
CA GLU E 138 15.89 -32.69 -25.26
C GLU E 138 15.75 -33.44 -26.58
#